data_6GPB
#
_entry.id   6GPB
#
_cell.length_a   128.500
_cell.length_b   128.500
_cell.length_c   116.300
_cell.angle_alpha   90.00
_cell.angle_beta   90.00
_cell.angle_gamma   90.00
#
_symmetry.space_group_name_H-M   'P 43 21 2'
#
loop_
_entity.id
_entity.type
_entity.pdbx_description
1 polymer 'GLYCOGEN PHOSPHORYLASE B'
2 branched alpha-D-glucopyranose-(1-4)-alpha-D-glucopyranose-(1-4)-alpha-D-glucopyranose-(1-4)-alpha-D-glucopyranose-(1-4)-alpha-D-glucopyranose
3 non-polymer 1-deoxy-2-O-phosphono-alpha-D-gluco-hept-2-ulopyranose
4 non-polymer "PYRIDOXAL-5'-PHOSPHATE"
5 non-polymer 'ADENOSINE MONOPHOSPHATE'
6 water water
#
_entity_poly.entity_id   1
_entity_poly.type   'polypeptide(L)'
_entity_poly.pdbx_seq_one_letter_code
;SRPLSDQEKRKQISVRGLAGVENVTELKKNFNRHLHFTLVKDRNVATPRDYYFALAHTVRDHLVGRWIRTQQHYYEKDPK
RIYYLSLEFYMGRTLQNTMVNLALENACDEATYQLGLDMEELEEIEEDAGLGNGGLGRLAACFLDSMATLGLAAYGYGIR
YEFGIFNQKICGGWQMEEADDWLRYGNPWEKARPEFTLPVHFYGRVEHTSQGAKWVDTQVVLAMPYDTPVPGYRNNVVNT
MRLWSAKAPNDFNLKDFNVGGYIQAVLDRNLAENISRVLYPNDNFFEGKELRLKQEYFVVAATLQDIIRRFKSSKFGCRD
PVRTNFDAFPDKVAIQLNDTHPSLAIPELMRVLVDLERLDWDKAWEVTVKTCAYTNHTVIPEALERWPVHLLETLLPRHL
QIIYEINQRFLNRVAAAFPGDVDRLRRMSLVEEGAVKRINMAHLCIAGSHAVNGVARIHSEILKKTIFKDFYELEPHKFQ
NKTNGITPRRWLVLCNPGLAEIIAERIGEEYISDLDQLRKLLSYVDDEAFIRDVAKVKQENKLKFAAYLEREYKVHINPN
SLFDVQVKRIHEYKRQLLNCLHVITLYNRIKKEPNKFVVPRTVMIGGKAAPGYHMAKMIIKLITAIGDVVNHDPVVGDRL
RVIFLENYRVSLAEKVIPAADLSEQISTAGTEASGTGNMKFMLNGALTIGTMDGANVEMAEEAGEENFFIFGMRVEDVDR
LDQRGYNAQEYYDRIPELRQIIEQLSSGFFSPKQPDLFKDIVNMLMHHDRFKVFADYEEYVKCQERVSALYKNPREWTRM
VIRNIATSGKFSSDRTIAQYAREIWGVEPSRQRLPAPDEKIP
;
_entity_poly.pdbx_strand_id   A
#
# COMPACT_ATOMS: atom_id res chain seq x y z
N SER A 14 4.64 23.15 19.13
CA SER A 14 5.44 21.90 18.55
C SER A 14 5.79 22.38 17.35
N VAL A 15 6.96 21.97 16.54
CA VAL A 15 7.17 22.69 15.46
C VAL A 15 6.82 21.59 14.00
N ARG A 16 5.58 22.16 14.08
CA ARG A 16 4.36 21.95 13.36
C ARG A 16 4.18 23.31 12.61
N GLY A 17 5.26 24.12 12.43
CA GLY A 17 5.30 25.32 12.07
C GLY A 17 4.93 26.61 12.87
N LEU A 18 4.41 27.69 12.16
CA LEU A 18 4.04 29.05 12.82
C LEU A 18 2.10 29.33 12.38
N ALA A 19 1.36 30.02 13.33
CA ALA A 19 0.81 30.34 14.32
C ALA A 19 0.52 31.67 14.77
N GLY A 20 0.72 32.47 13.73
CA GLY A 20 0.95 33.80 13.25
C GLY A 20 -0.21 34.89 13.15
N VAL A 21 -0.51 35.79 14.02
CA VAL A 21 -1.71 36.60 14.12
C VAL A 21 -2.47 36.87 12.76
N GLU A 22 -1.79 37.35 11.72
CA GLU A 22 -2.48 37.69 10.41
C GLU A 22 -3.10 36.46 9.75
N ASN A 23 -2.32 35.40 9.62
CA ASN A 23 -2.84 34.20 8.99
C ASN A 23 -3.92 33.60 9.87
N VAL A 24 -3.84 33.76 11.18
CA VAL A 24 -4.86 33.23 12.05
C VAL A 24 -6.13 33.98 11.71
N THR A 25 -6.02 35.27 11.51
CA THR A 25 -7.20 36.00 11.22
C THR A 25 -7.74 35.65 9.84
N GLU A 26 -6.94 35.40 8.80
CA GLU A 26 -7.58 35.09 7.54
C GLU A 26 -8.26 33.73 7.64
N LEU A 27 -7.61 32.76 8.27
CA LEU A 27 -8.17 31.44 8.38
C LEU A 27 -9.53 31.45 9.03
N LYS A 28 -9.69 32.18 10.12
CA LYS A 28 -10.97 32.20 10.78
C LYS A 28 -12.00 32.69 9.78
N LYS A 29 -11.68 33.79 9.14
CA LYS A 29 -12.59 34.43 8.22
C LYS A 29 -13.05 33.50 7.13
N ASN A 30 -12.16 32.67 6.56
CA ASN A 30 -12.66 31.87 5.43
C ASN A 30 -13.28 30.58 5.92
N PHE A 31 -13.07 30.26 7.18
CA PHE A 31 -13.74 29.11 7.73
C PHE A 31 -15.16 29.58 7.71
N ASN A 32 -15.42 30.78 8.16
CA ASN A 32 -16.80 31.24 8.28
C ASN A 32 -17.39 31.50 6.90
N ARG A 33 -16.61 31.95 5.95
CA ARG A 33 -17.13 32.10 4.61
C ARG A 33 -17.57 30.71 4.17
N HIS A 34 -16.84 29.64 4.40
CA HIS A 34 -17.32 28.40 3.84
C HIS A 34 -18.45 27.80 4.65
N LEU A 35 -18.57 28.09 5.94
CA LEU A 35 -19.65 27.50 6.71
C LEU A 35 -20.98 28.01 6.11
N HIS A 36 -20.97 29.31 5.88
CA HIS A 36 -22.14 29.98 5.39
C HIS A 36 -22.31 29.68 3.91
N PHE A 37 -21.41 30.16 3.09
CA PHE A 37 -21.61 30.04 1.67
C PHE A 37 -21.44 28.66 1.12
N THR A 38 -20.51 27.86 1.59
CA THR A 38 -20.39 26.61 0.91
C THR A 38 -21.28 25.61 1.61
N LEU A 39 -21.44 25.65 2.92
CA LEU A 39 -22.21 24.60 3.52
C LEU A 39 -23.67 24.92 3.72
N VAL A 40 -23.94 26.24 3.72
CA VAL A 40 -25.27 26.78 3.77
C VAL A 40 -25.82 26.20 5.05
N LYS A 41 -25.15 26.55 6.13
CA LYS A 41 -25.49 25.99 7.41
C LYS A 41 -25.34 27.24 8.23
N ASP A 42 -25.61 27.32 9.33
CA ASP A 42 -25.65 28.46 10.26
C ASP A 42 -25.06 28.02 11.59
N ARG A 43 -24.40 28.84 12.40
CA ARG A 43 -23.69 28.37 13.58
C ARG A 43 -24.73 27.75 14.49
N ASN A 44 -25.94 28.22 14.38
CA ASN A 44 -26.98 27.68 15.22
C ASN A 44 -27.25 26.23 14.92
N VAL A 45 -26.91 25.72 13.74
CA VAL A 45 -27.27 24.36 13.46
C VAL A 45 -26.08 23.58 12.87
N ALA A 46 -24.84 24.05 12.99
CA ALA A 46 -23.74 23.33 12.40
C ALA A 46 -23.27 22.19 13.29
N THR A 47 -23.04 21.01 12.77
CA THR A 47 -22.67 19.92 13.60
C THR A 47 -21.17 19.93 13.44
N PRO A 48 -20.42 19.11 14.20
CA PRO A 48 -18.99 18.93 13.99
C PRO A 48 -18.65 18.49 12.57
N ARG A 49 -19.54 17.76 11.90
CA ARG A 49 -19.24 17.31 10.57
C ARG A 49 -19.18 18.55 9.72
N ASP A 50 -20.17 19.41 9.91
CA ASP A 50 -20.25 20.63 9.13
C ASP A 50 -18.99 21.43 9.43
N TYR A 51 -18.49 21.50 10.66
CA TYR A 51 -17.25 22.23 10.90
C TYR A 51 -16.05 21.56 10.24
N TYR A 52 -16.05 20.24 10.16
CA TYR A 52 -14.96 19.57 9.51
C TYR A 52 -15.02 20.04 8.06
N PHE A 53 -16.16 20.01 7.39
CA PHE A 53 -16.19 20.37 5.99
C PHE A 53 -15.73 21.81 5.78
N ALA A 54 -16.17 22.67 6.70
CA ALA A 54 -15.82 24.05 6.63
C ALA A 54 -14.32 24.14 6.74
N LEU A 55 -13.73 23.28 7.63
CA LEU A 55 -12.29 23.52 7.73
C LEU A 55 -11.57 22.91 6.53
N ALA A 56 -11.97 21.73 6.08
CA ALA A 56 -11.32 21.06 4.96
C ALA A 56 -11.29 22.00 3.78
N HIS A 57 -12.39 22.62 3.58
CA HIS A 57 -12.55 23.47 2.41
C HIS A 57 -11.78 24.78 2.59
N THR A 58 -11.49 25.22 3.81
CA THR A 58 -10.61 26.35 3.97
C THR A 58 -9.14 25.98 3.76
N VAL A 59 -8.73 24.75 4.08
CA VAL A 59 -7.35 24.38 3.87
C VAL A 59 -7.18 24.21 2.37
N ARG A 60 -8.19 23.61 1.73
CA ARG A 60 -8.15 23.29 0.33
C ARG A 60 -7.85 24.54 -0.44
N ASP A 61 -8.52 25.63 -0.10
CA ASP A 61 -8.30 26.90 -0.78
C ASP A 61 -6.81 27.28 -0.78
N HIS A 62 -6.02 27.06 0.25
CA HIS A 62 -4.63 27.53 0.21
C HIS A 62 -3.77 26.61 -0.63
N LEU A 63 -4.30 25.68 -1.38
CA LEU A 63 -3.44 24.75 -2.05
C LEU A 63 -3.76 24.91 -3.51
N VAL A 64 -4.83 25.61 -3.84
CA VAL A 64 -5.21 25.67 -5.23
C VAL A 64 -4.25 26.49 -6.08
N GLY A 65 -3.71 27.57 -5.50
CA GLY A 65 -2.87 28.51 -6.21
C GLY A 65 -1.67 27.76 -6.70
N ARG A 66 -1.17 27.00 -5.73
CA ARG A 66 -0.01 26.18 -5.93
C ARG A 66 -0.34 25.12 -6.99
N TRP A 67 -1.43 24.38 -6.88
CA TRP A 67 -1.76 23.33 -7.82
C TRP A 67 -1.76 23.91 -9.23
N ILE A 68 -2.53 24.97 -9.41
CA ILE A 68 -2.65 25.56 -10.71
C ILE A 68 -1.28 26.02 -11.19
N ARG A 69 -0.45 26.55 -10.30
CA ARG A 69 0.84 27.01 -10.75
C ARG A 69 1.73 25.84 -11.06
N THR A 70 1.63 24.69 -10.37
CA THR A 70 2.56 23.63 -10.66
C THR A 70 2.22 23.11 -12.04
N GLN A 71 0.94 22.92 -12.35
CA GLN A 71 0.69 22.39 -13.65
C GLN A 71 1.01 23.41 -14.72
N GLN A 72 0.69 24.69 -14.58
CA GLN A 72 1.06 25.67 -15.59
C GLN A 72 2.56 25.58 -15.78
N HIS A 73 3.26 25.50 -14.67
CA HIS A 73 4.70 25.46 -14.70
C HIS A 73 5.20 24.22 -15.44
N TYR A 74 4.64 23.04 -15.24
CA TYR A 74 5.15 21.89 -15.95
C TYR A 74 4.85 22.06 -17.43
N TYR A 75 3.73 22.70 -17.76
CA TYR A 75 3.34 22.88 -19.15
C TYR A 75 4.41 23.61 -19.90
N GLU A 76 4.87 24.73 -19.36
CA GLU A 76 5.82 25.49 -20.12
C GLU A 76 7.21 24.93 -19.93
N LYS A 77 7.53 24.34 -18.78
CA LYS A 77 8.89 23.92 -18.57
C LYS A 77 9.13 22.53 -19.14
N ASP A 78 8.12 21.90 -19.70
CA ASP A 78 8.17 20.58 -20.34
C ASP A 78 9.13 19.50 -19.87
N PRO A 79 9.03 18.99 -18.66
CA PRO A 79 9.88 17.91 -18.20
C PRO A 79 9.35 16.56 -18.67
N LYS A 80 10.16 15.53 -18.37
CA LYS A 80 9.83 14.14 -18.67
C LYS A 80 8.80 13.91 -17.59
N ARG A 81 7.60 13.36 -17.83
CA ARG A 81 6.62 13.30 -16.76
C ARG A 81 6.70 11.86 -16.40
N ILE A 82 6.34 11.51 -15.18
CA ILE A 82 6.38 10.14 -14.75
C ILE A 82 4.94 9.74 -14.49
N TYR A 83 4.37 8.69 -15.04
CA TYR A 83 3.01 8.39 -14.68
C TYR A 83 3.12 7.11 -13.87
N TYR A 84 2.60 7.08 -12.66
CA TYR A 84 2.67 5.92 -11.81
C TYR A 84 1.32 5.26 -11.99
N LEU A 85 1.22 4.04 -12.51
CA LEU A 85 -0.07 3.42 -12.68
C LEU A 85 -0.37 2.45 -11.54
N SER A 86 -1.42 2.54 -10.75
CA SER A 86 -1.57 1.55 -9.73
C SER A 86 -3.06 1.32 -9.77
N LEU A 87 -3.54 0.18 -9.30
CA LEU A 87 -4.97 0.07 -9.26
C LEU A 87 -5.30 0.30 -7.81
N GLU A 88 -4.41 0.54 -6.98
CA GLU A 88 -4.70 0.86 -5.57
C GLU A 88 -3.98 2.15 -5.19
N PHE A 89 -4.54 3.04 -4.37
CA PHE A 89 -3.81 4.19 -3.87
C PHE A 89 -4.37 4.23 -2.46
N TYR A 90 -3.62 3.95 -1.41
CA TYR A 90 -4.21 3.85 -0.10
C TYR A 90 -3.88 5.17 0.58
N MET A 91 -4.70 6.13 0.24
CA MET A 91 -4.53 7.48 0.68
C MET A 91 -4.75 7.66 2.17
N GLY A 92 -5.86 7.34 2.79
CA GLY A 92 -5.97 7.66 4.19
C GLY A 92 -6.67 9.00 4.24
N ARG A 93 -6.51 9.80 5.29
CA ARG A 93 -7.21 11.06 5.44
C ARG A 93 -6.29 12.09 4.86
N THR A 94 -6.80 13.17 4.32
CA THR A 94 -5.99 14.16 3.68
C THR A 94 -5.77 15.40 4.56
N LEU A 95 -6.74 15.85 5.34
CA LEU A 95 -6.62 17.10 6.05
C LEU A 95 -5.34 17.43 6.79
N GLN A 96 -5.00 16.66 7.80
CA GLN A 96 -3.86 16.97 8.63
C GLN A 96 -2.65 16.91 7.76
N ASN A 97 -2.57 15.93 6.89
CA ASN A 97 -1.44 15.81 6.02
C ASN A 97 -1.29 17.03 5.15
N THR A 98 -2.39 17.55 4.63
CA THR A 98 -2.27 18.72 3.81
C THR A 98 -1.76 19.83 4.72
N MET A 99 -2.26 19.97 5.95
CA MET A 99 -1.80 21.05 6.78
C MET A 99 -0.32 20.89 7.05
N VAL A 100 0.17 19.67 7.18
CA VAL A 100 1.55 19.42 7.52
C VAL A 100 2.39 19.91 6.38
N ASN A 101 2.09 19.42 5.18
CA ASN A 101 2.90 19.71 4.02
C ASN A 101 2.75 21.14 3.59
N LEU A 102 1.70 21.80 3.97
CA LEU A 102 1.51 23.17 3.57
C LEU A 102 1.87 24.14 4.70
N ALA A 103 2.34 23.65 5.85
CA ALA A 103 2.69 24.45 7.01
C ALA A 103 1.52 25.15 7.71
N LEU A 104 0.28 24.78 7.43
CA LEU A 104 -0.86 25.48 8.03
C LEU A 104 -1.28 24.93 9.39
N GLU A 105 -0.66 23.85 9.86
CA GLU A 105 -1.19 23.15 11.01
C GLU A 105 -1.39 24.01 12.23
N ASN A 106 -0.36 24.71 12.67
CA ASN A 106 -0.50 25.49 13.88
C ASN A 106 -1.21 26.78 13.62
N ALA A 107 -1.48 27.18 12.39
CA ALA A 107 -2.16 28.43 12.18
C ALA A 107 -3.58 28.02 12.44
N CYS A 108 -3.99 26.89 11.84
CA CYS A 108 -5.36 26.47 12.00
C CYS A 108 -5.64 26.06 13.40
N ASP A 109 -4.75 25.39 14.13
CA ASP A 109 -5.04 24.94 15.49
C ASP A 109 -5.42 26.13 16.34
N GLU A 110 -4.70 27.19 16.09
CA GLU A 110 -4.95 28.42 16.79
C GLU A 110 -6.33 28.91 16.38
N ALA A 111 -6.56 29.11 15.09
CA ALA A 111 -7.83 29.59 14.57
C ALA A 111 -9.01 28.75 15.04
N THR A 112 -8.96 27.45 14.92
CA THR A 112 -10.06 26.61 15.40
C THR A 112 -10.21 26.77 16.92
N TYR A 113 -9.16 27.03 17.69
CA TYR A 113 -9.39 27.21 19.10
C TYR A 113 -10.03 28.57 19.26
N GLN A 114 -9.67 29.62 18.54
CA GLN A 114 -10.32 30.88 18.78
C GLN A 114 -11.75 30.85 18.27
N LEU A 115 -12.10 29.87 17.44
CA LEU A 115 -13.49 29.73 17.02
C LEU A 115 -14.12 28.84 18.08
N GLY A 116 -13.30 28.14 18.85
CA GLY A 116 -13.74 27.29 19.93
C GLY A 116 -13.95 25.89 19.43
N LEU A 117 -13.05 25.16 18.77
CA LEU A 117 -13.51 23.90 18.22
C LEU A 117 -12.75 22.60 18.45
N ASP A 118 -11.48 22.63 18.84
CA ASP A 118 -10.61 21.46 18.95
C ASP A 118 -10.52 20.80 17.59
N MET A 119 -9.36 21.09 17.06
CA MET A 119 -9.02 20.62 15.75
C MET A 119 -8.98 19.11 15.72
N GLU A 120 -8.45 18.47 16.75
CA GLU A 120 -8.31 17.05 16.67
C GLU A 120 -9.68 16.40 16.67
N GLU A 121 -10.76 16.99 17.20
CA GLU A 121 -12.03 16.30 17.07
C GLU A 121 -12.41 16.36 15.61
N LEU A 122 -12.12 17.47 14.96
CA LEU A 122 -12.48 17.59 13.57
C LEU A 122 -11.71 16.60 12.71
N GLU A 123 -10.42 16.37 12.95
CA GLU A 123 -9.66 15.43 12.14
C GLU A 123 -10.30 14.05 12.22
N GLU A 124 -10.77 13.59 13.36
CA GLU A 124 -11.41 12.30 13.41
C GLU A 124 -12.69 12.20 12.61
N ILE A 125 -13.22 13.22 11.97
CA ILE A 125 -14.46 13.01 11.29
C ILE A 125 -14.09 12.72 9.86
N GLU A 126 -12.84 12.79 9.43
CA GLU A 126 -12.61 12.55 8.03
C GLU A 126 -12.60 11.04 7.82
N GLU A 127 -13.20 10.50 6.77
CA GLU A 127 -13.23 9.06 6.57
C GLU A 127 -12.06 8.78 5.64
N ASP A 128 -11.32 7.71 5.91
CA ASP A 128 -10.17 7.34 5.12
C ASP A 128 -10.57 7.11 3.67
N ALA A 129 -9.67 7.47 2.75
CA ALA A 129 -9.88 7.12 1.36
C ALA A 129 -9.13 5.80 1.41
N GLY A 130 -9.80 4.67 1.55
CA GLY A 130 -9.15 3.39 1.61
C GLY A 130 -9.23 2.78 0.24
N LEU A 131 -8.67 3.44 -0.75
CA LEU A 131 -8.71 2.92 -2.08
C LEU A 131 -7.60 1.91 -2.17
N GLY A 132 -7.39 1.01 -1.21
CA GLY A 132 -6.26 0.12 -1.25
C GLY A 132 -6.52 -1.01 -0.27
N ASN A 133 -5.75 -2.08 -0.41
CA ASN A 133 -5.93 -3.26 0.40
C ASN A 133 -4.90 -3.23 1.51
N GLY A 134 -3.65 -3.02 1.16
CA GLY A 134 -2.60 -3.11 2.14
C GLY A 134 -1.39 -2.41 1.58
N GLY A 135 -0.23 -3.07 1.72
CA GLY A 135 1.05 -2.46 1.42
C GLY A 135 1.22 -2.06 -0.01
N LEU A 136 0.73 -2.81 -0.97
CA LEU A 136 0.85 -2.38 -2.34
C LEU A 136 0.25 -0.99 -2.53
N GLY A 137 -0.93 -0.71 -2.00
CA GLY A 137 -1.52 0.57 -2.28
C GLY A 137 -0.93 1.67 -1.43
N ARG A 138 -0.46 1.36 -0.22
CA ARG A 138 0.10 2.39 0.62
C ARG A 138 1.40 2.81 -0.04
N LEU A 139 2.10 1.91 -0.72
CA LEU A 139 3.38 2.23 -1.28
C LEU A 139 3.17 3.38 -2.23
N ALA A 140 2.15 3.20 -3.06
CA ALA A 140 1.82 4.15 -4.08
C ALA A 140 1.51 5.45 -3.40
N ALA A 141 0.84 5.46 -2.29
CA ALA A 141 0.53 6.74 -1.72
C ALA A 141 1.77 7.38 -1.11
N CYS A 142 2.73 6.61 -0.59
CA CYS A 142 3.91 7.19 0.00
C CYS A 142 4.73 7.68 -1.18
N PHE A 143 4.65 6.97 -2.31
CA PHE A 143 5.46 7.30 -3.45
C PHE A 143 4.99 8.66 -3.91
N LEU A 144 3.69 8.84 -4.00
CA LEU A 144 3.08 10.08 -4.43
C LEU A 144 3.65 11.24 -3.64
N ASP A 145 3.68 11.14 -2.33
CA ASP A 145 4.15 12.22 -1.48
C ASP A 145 5.61 12.44 -1.82
N SER A 146 6.43 11.40 -1.89
CA SER A 146 7.83 11.62 -2.18
C SER A 146 8.05 12.13 -3.60
N MET A 147 7.21 11.90 -4.58
CA MET A 147 7.52 12.44 -5.87
C MET A 147 7.23 13.92 -5.84
N ALA A 148 6.29 14.34 -5.01
CA ALA A 148 5.94 15.72 -4.97
C ALA A 148 7.06 16.38 -4.21
N THR A 149 7.51 15.85 -3.08
CA THR A 149 8.61 16.45 -2.35
C THR A 149 9.93 16.49 -3.14
N LEU A 150 10.16 15.71 -4.18
CA LEU A 150 11.42 15.84 -4.85
C LEU A 150 11.11 16.57 -6.13
N GLY A 151 9.96 17.23 -6.20
CA GLY A 151 9.54 18.01 -7.34
C GLY A 151 9.64 17.31 -8.68
N LEU A 152 9.10 16.13 -8.79
CA LEU A 152 9.20 15.40 -10.02
C LEU A 152 7.85 15.69 -10.61
N ALA A 153 7.71 15.68 -11.93
CA ALA A 153 6.44 15.87 -12.61
C ALA A 153 5.76 14.52 -12.62
N ALA A 154 5.16 14.07 -11.53
CA ALA A 154 4.68 12.71 -11.51
C ALA A 154 3.20 12.79 -11.41
N TYR A 155 2.45 11.78 -11.85
CA TYR A 155 1.02 11.82 -11.76
C TYR A 155 0.74 10.40 -11.35
N GLY A 156 -0.25 10.10 -10.51
CA GLY A 156 -0.55 8.74 -10.14
C GLY A 156 -1.92 8.53 -10.75
N TYR A 157 -2.16 7.47 -11.52
CA TYR A 157 -3.43 7.27 -12.19
C TYR A 157 -4.03 6.01 -11.59
N GLY A 158 -5.32 5.97 -11.25
CA GLY A 158 -5.91 4.81 -10.59
C GLY A 158 -7.40 4.91 -10.81
N ILE A 159 -8.26 4.19 -10.09
CA ILE A 159 -9.68 4.18 -10.37
C ILE A 159 -10.26 4.83 -9.16
N ARG A 160 -11.36 5.56 -9.32
CA ARG A 160 -12.04 6.17 -8.20
C ARG A 160 -13.08 5.13 -7.82
N TYR A 161 -12.87 4.28 -6.86
CA TYR A 161 -13.83 3.24 -6.61
C TYR A 161 -14.95 3.86 -5.82
N GLU A 162 -16.19 3.52 -6.05
CA GLU A 162 -17.22 4.10 -5.23
C GLU A 162 -17.11 3.43 -3.91
N PHE A 163 -16.70 2.18 -3.76
CA PHE A 163 -16.66 1.65 -2.43
C PHE A 163 -15.24 1.20 -2.45
N GLY A 164 -14.48 1.43 -1.37
CA GLY A 164 -13.08 1.10 -1.33
C GLY A 164 -13.04 -0.21 -0.59
N ILE A 165 -12.00 -0.49 0.17
CA ILE A 165 -11.91 -1.76 0.84
C ILE A 165 -13.00 -1.74 1.91
N PHE A 166 -13.62 -2.90 2.11
CA PHE A 166 -14.74 -3.00 3.02
C PHE A 166 -14.36 -2.61 4.44
N ASN A 167 -15.33 -2.35 5.32
CA ASN A 167 -15.07 -2.00 6.70
C ASN A 167 -15.27 -3.35 7.36
N GLN A 168 -14.40 -3.76 8.25
CA GLN A 168 -14.48 -5.07 8.86
C GLN A 168 -15.25 -4.80 10.13
N LYS A 169 -16.15 -5.65 10.55
CA LYS A 169 -16.87 -5.42 11.78
C LYS A 169 -16.74 -6.83 12.34
N ILE A 170 -16.56 -7.03 13.62
CA ILE A 170 -16.46 -8.38 14.12
C ILE A 170 -17.80 -8.56 14.78
N CYS A 171 -18.43 -9.73 14.67
CA CYS A 171 -19.66 -10.04 15.35
C CYS A 171 -19.34 -11.47 15.69
N GLY A 172 -19.33 -11.84 16.97
CA GLY A 172 -19.10 -13.23 17.36
C GLY A 172 -17.68 -13.68 17.10
N GLY A 173 -16.76 -12.75 16.95
CA GLY A 173 -15.40 -13.11 16.64
C GLY A 173 -15.27 -13.41 15.17
N TRP A 174 -16.28 -13.18 14.33
CA TRP A 174 -16.17 -13.47 12.91
C TRP A 174 -16.21 -12.12 12.24
N GLN A 175 -15.49 -12.00 11.13
CA GLN A 175 -15.44 -10.77 10.39
C GLN A 175 -16.73 -10.73 9.66
N MET A 176 -17.36 -9.58 9.69
CA MET A 176 -18.59 -9.31 9.02
C MET A 176 -18.06 -8.17 8.17
N GLU A 177 -18.18 -8.18 6.85
CA GLU A 177 -17.62 -7.12 6.05
C GLU A 177 -18.75 -6.19 5.69
N GLU A 178 -18.66 -4.85 5.75
CA GLU A 178 -19.74 -3.95 5.38
C GLU A 178 -19.14 -3.11 4.30
N ALA A 179 -19.90 -2.42 3.47
CA ALA A 179 -19.35 -1.68 2.35
C ALA A 179 -18.78 -0.38 2.87
N ASP A 180 -17.82 0.20 2.18
CA ASP A 180 -17.19 1.37 2.73
C ASP A 180 -17.80 2.45 1.92
N ASP A 181 -18.79 3.13 2.47
CA ASP A 181 -19.54 4.11 1.71
C ASP A 181 -18.75 5.36 1.97
N TRP A 182 -17.54 5.48 1.43
CA TRP A 182 -16.68 6.59 1.82
C TRP A 182 -17.07 7.88 1.17
N LEU A 183 -17.75 7.85 0.05
CA LEU A 183 -18.08 9.11 -0.55
C LEU A 183 -19.41 9.61 -0.03
N ARG A 184 -20.01 8.95 0.97
CA ARG A 184 -21.34 9.29 1.42
C ARG A 184 -21.64 10.75 1.75
N TYR A 185 -20.68 11.47 2.32
CA TYR A 185 -20.98 12.84 2.70
C TYR A 185 -20.20 13.76 1.79
N GLY A 186 -19.53 13.28 0.74
CA GLY A 186 -18.83 14.18 -0.11
C GLY A 186 -17.36 14.01 0.12
N ASN A 187 -16.51 14.59 -0.75
CA ASN A 187 -15.09 14.44 -0.61
C ASN A 187 -14.62 15.82 -0.97
N PRO A 188 -14.22 16.69 -0.06
CA PRO A 188 -13.88 18.05 -0.41
C PRO A 188 -12.53 18.17 -1.10
N TRP A 189 -11.87 17.07 -1.43
CA TRP A 189 -10.56 17.19 -1.99
C TRP A 189 -10.61 17.05 -3.49
N GLU A 190 -11.46 16.23 -4.07
CA GLU A 190 -11.37 16.01 -5.49
C GLU A 190 -12.01 17.12 -6.27
N LYS A 191 -11.71 17.18 -7.56
CA LYS A 191 -12.20 18.16 -8.47
C LYS A 191 -12.58 17.29 -9.65
N ALA A 192 -13.88 17.16 -9.89
CA ALA A 192 -14.34 16.30 -10.95
C ALA A 192 -13.95 17.00 -12.20
N ARG A 193 -13.62 16.32 -13.29
CA ARG A 193 -13.22 17.03 -14.46
C ARG A 193 -13.99 16.45 -15.62
N PRO A 194 -15.30 16.61 -15.75
CA PRO A 194 -16.06 16.01 -16.82
C PRO A 194 -15.67 16.51 -18.19
N GLU A 195 -14.90 17.59 -18.31
CA GLU A 195 -14.44 18.10 -19.58
C GLU A 195 -13.48 17.12 -20.25
N PHE A 196 -12.90 16.18 -19.49
CA PHE A 196 -11.90 15.34 -20.10
C PHE A 196 -12.35 13.90 -20.06
N THR A 197 -13.60 13.57 -20.31
CA THR A 197 -14.02 12.18 -20.31
C THR A 197 -13.46 11.53 -21.57
N LEU A 198 -13.03 10.29 -21.58
CA LEU A 198 -12.37 9.66 -22.71
C LEU A 198 -13.20 8.43 -22.88
N PRO A 199 -13.41 7.85 -24.04
CA PRO A 199 -14.04 6.54 -24.21
C PRO A 199 -13.06 5.40 -24.06
N VAL A 200 -13.52 4.21 -23.70
CA VAL A 200 -12.69 3.04 -23.58
C VAL A 200 -13.57 2.07 -24.32
N HIS A 201 -12.98 1.15 -25.07
CA HIS A 201 -13.74 0.28 -25.95
C HIS A 201 -13.67 -1.11 -25.38
N PHE A 202 -14.71 -1.92 -25.46
CA PHE A 202 -14.64 -3.24 -24.93
C PHE A 202 -15.22 -4.10 -26.04
N TYR A 203 -14.80 -5.38 -26.12
CA TYR A 203 -15.27 -6.41 -27.03
C TYR A 203 -14.91 -6.01 -28.43
N GLY A 204 -15.75 -6.18 -29.44
CA GLY A 204 -15.40 -5.71 -30.78
C GLY A 204 -14.92 -6.90 -31.57
N ARG A 205 -14.45 -6.74 -32.81
CA ARG A 205 -13.89 -7.81 -33.58
C ARG A 205 -12.71 -7.07 -34.19
N VAL A 206 -11.80 -7.72 -34.90
CA VAL A 206 -10.62 -7.09 -35.44
C VAL A 206 -10.69 -7.30 -36.93
N GLU A 207 -10.77 -6.28 -37.77
CA GLU A 207 -10.96 -6.45 -39.20
C GLU A 207 -9.55 -6.21 -39.72
N HIS A 208 -8.82 -7.16 -40.33
CA HIS A 208 -7.49 -6.89 -40.83
C HIS A 208 -7.74 -6.51 -42.24
N THR A 209 -7.63 -5.28 -42.68
CA THR A 209 -7.87 -5.03 -44.04
C THR A 209 -6.91 -3.93 -44.46
N SER A 210 -6.17 -4.25 -45.53
CA SER A 210 -5.33 -3.30 -46.23
C SER A 210 -4.22 -2.69 -45.38
N GLN A 211 -4.55 -1.59 -44.73
CA GLN A 211 -3.56 -0.85 -44.00
C GLN A 211 -3.20 -1.55 -42.70
N GLY A 212 -4.08 -2.25 -42.00
CA GLY A 212 -3.68 -2.81 -40.73
C GLY A 212 -4.94 -3.38 -40.15
N ALA A 213 -5.01 -3.52 -38.84
CA ALA A 213 -6.15 -4.14 -38.24
C ALA A 213 -6.97 -3.00 -37.70
N LYS A 214 -8.29 -3.08 -37.60
CA LYS A 214 -9.13 -2.01 -37.10
C LYS A 214 -9.85 -2.78 -36.02
N TRP A 215 -10.06 -2.19 -34.85
CA TRP A 215 -10.74 -2.87 -33.78
C TRP A 215 -12.09 -2.30 -34.15
N VAL A 216 -13.15 -3.05 -34.38
CA VAL A 216 -14.32 -2.42 -34.89
C VAL A 216 -15.41 -3.02 -34.04
N ASP A 217 -16.61 -2.43 -34.06
CA ASP A 217 -17.79 -2.84 -33.31
C ASP A 217 -17.54 -2.95 -31.83
N THR A 218 -17.11 -1.92 -31.13
CA THR A 218 -16.82 -2.09 -29.73
C THR A 218 -17.91 -1.48 -28.88
N GLN A 219 -17.99 -1.78 -27.59
CA GLN A 219 -18.98 -1.24 -26.69
C GLN A 219 -18.13 -0.12 -26.11
N VAL A 220 -18.69 1.01 -25.71
CA VAL A 220 -17.89 2.13 -25.26
C VAL A 220 -18.20 2.32 -23.80
N VAL A 221 -17.26 2.55 -22.89
CA VAL A 221 -17.62 2.91 -21.54
C VAL A 221 -16.88 4.23 -21.56
N LEU A 222 -17.22 5.28 -20.81
CA LEU A 222 -16.49 6.52 -20.92
C LEU A 222 -15.77 6.52 -19.59
N ALA A 223 -14.64 7.17 -19.44
CA ALA A 223 -13.92 7.15 -18.21
C ALA A 223 -14.01 8.60 -17.86
N MET A 224 -14.38 9.04 -16.67
CA MET A 224 -14.56 10.44 -16.35
C MET A 224 -13.51 10.71 -15.32
N PRO A 225 -12.54 11.64 -15.43
CA PRO A 225 -11.47 11.86 -14.47
C PRO A 225 -11.80 12.70 -13.27
N TYR A 226 -11.22 12.43 -12.10
CA TYR A 226 -11.45 13.24 -10.92
C TYR A 226 -10.05 13.54 -10.43
N ASP A 227 -9.56 14.77 -10.20
CA ASP A 227 -8.18 15.02 -9.82
C ASP A 227 -8.17 15.34 -8.35
N THR A 228 -7.11 14.93 -7.64
CA THR A 228 -6.90 15.23 -6.25
C THR A 228 -5.49 15.78 -6.25
N PRO A 229 -5.20 16.77 -5.41
CA PRO A 229 -3.88 17.36 -5.26
C PRO A 229 -2.93 16.58 -4.41
N VAL A 230 -1.64 16.50 -4.69
CA VAL A 230 -0.72 15.82 -3.80
C VAL A 230 0.34 16.86 -3.48
N PRO A 231 0.27 17.57 -2.34
CA PRO A 231 1.19 18.65 -1.94
C PRO A 231 2.55 18.15 -1.48
N GLY A 232 3.66 18.73 -1.91
CA GLY A 232 4.92 18.20 -1.45
C GLY A 232 5.11 18.84 -0.11
N TYR A 233 5.99 18.31 0.72
CA TYR A 233 6.21 18.92 2.00
C TYR A 233 6.90 20.26 1.81
N ARG A 234 6.28 21.35 2.30
CA ARG A 234 6.85 22.67 2.34
C ARG A 234 7.73 23.10 1.19
N ASN A 235 7.27 22.85 -0.03
CA ASN A 235 8.12 23.19 -1.16
C ASN A 235 7.32 23.70 -2.32
N ASN A 236 6.05 23.91 -2.02
CA ASN A 236 5.06 24.51 -2.88
C ASN A 236 4.73 23.83 -4.19
N VAL A 237 5.09 22.57 -4.37
CA VAL A 237 4.83 21.87 -5.61
C VAL A 237 3.51 21.20 -5.24
N VAL A 238 2.50 21.08 -6.09
CA VAL A 238 1.35 20.29 -5.72
C VAL A 238 1.17 19.52 -7.02
N ASN A 239 1.19 18.18 -7.02
CA ASN A 239 1.08 17.37 -8.23
C ASN A 239 -0.35 16.86 -8.25
N THR A 240 -0.73 15.98 -9.17
CA THR A 240 -2.12 15.57 -9.35
C THR A 240 -2.29 14.07 -9.24
N MET A 241 -3.36 13.51 -8.66
CA MET A 241 -3.59 12.09 -8.61
C MET A 241 -4.83 12.07 -9.46
N ARG A 242 -4.93 11.37 -10.60
CA ARG A 242 -6.11 11.41 -11.47
C ARG A 242 -6.81 10.08 -11.40
N LEU A 243 -8.05 10.00 -10.94
CA LEU A 243 -8.69 8.73 -10.70
C LEU A 243 -9.89 8.68 -11.64
N TRP A 244 -10.09 7.62 -12.42
CA TRP A 244 -11.15 7.61 -13.41
C TRP A 244 -12.46 7.08 -12.82
N SER A 245 -13.60 7.40 -13.41
CA SER A 245 -14.88 6.92 -12.95
C SER A 245 -15.46 6.34 -14.22
N ALA A 246 -16.35 5.38 -14.19
CA ALA A 246 -16.80 4.82 -15.42
C ALA A 246 -18.11 5.55 -15.59
N LYS A 247 -18.58 5.80 -16.80
CA LYS A 247 -19.84 6.46 -17.00
C LYS A 247 -20.32 5.73 -18.22
N ALA A 248 -21.62 5.46 -18.35
CA ALA A 248 -22.15 4.76 -19.51
C ALA A 248 -22.41 5.81 -20.55
N PRO A 249 -22.12 5.56 -21.83
CA PRO A 249 -22.44 6.45 -22.93
C PRO A 249 -23.90 6.86 -22.93
N ASN A 250 -24.14 8.11 -23.30
CA ASN A 250 -25.51 8.58 -23.28
C ASN A 250 -26.24 8.10 -24.50
N ASP A 251 -25.55 7.68 -25.55
CA ASP A 251 -26.21 7.34 -26.78
C ASP A 251 -26.44 5.86 -26.90
N PHE A 252 -25.45 4.98 -26.97
CA PHE A 252 -25.67 3.60 -27.29
C PHE A 252 -26.51 2.82 -26.32
N ASN A 253 -26.65 3.34 -25.12
CA ASN A 253 -27.44 2.61 -24.16
C ASN A 253 -28.90 2.83 -24.50
N LEU A 254 -29.26 3.50 -25.59
CA LEU A 254 -30.63 3.65 -26.00
C LEU A 254 -30.43 3.85 -27.49
N LYS A 255 -29.48 3.27 -28.22
CA LYS A 255 -29.46 3.67 -29.60
C LYS A 255 -29.82 2.42 -30.37
N ASP A 256 -28.91 1.88 -31.19
CA ASP A 256 -29.12 0.76 -32.10
C ASP A 256 -30.55 0.73 -32.55
N PHE A 257 -31.23 -0.40 -32.43
CA PHE A 257 -32.64 -0.45 -32.69
C PHE A 257 -32.82 -1.11 -31.35
N ASN A 258 -32.30 -0.46 -30.34
CA ASN A 258 -32.22 -1.02 -29.01
C ASN A 258 -33.56 -0.84 -28.38
N VAL A 259 -34.44 -1.81 -28.51
CA VAL A 259 -35.69 -1.66 -27.83
C VAL A 259 -35.32 -2.73 -26.82
N GLY A 260 -36.04 -2.80 -25.72
CA GLY A 260 -35.74 -3.71 -24.64
C GLY A 260 -36.75 -3.18 -23.65
N GLY A 261 -36.71 -1.86 -23.55
CA GLY A 261 -37.69 -1.11 -22.78
C GLY A 261 -36.90 0.15 -22.62
N TYR A 262 -37.35 1.36 -22.97
CA TYR A 262 -36.54 2.56 -22.76
C TYR A 262 -36.08 2.65 -21.31
N ILE A 263 -37.05 2.37 -20.46
CA ILE A 263 -36.84 2.48 -19.04
C ILE A 263 -35.82 1.41 -18.67
N GLN A 264 -35.75 0.24 -19.32
CA GLN A 264 -34.78 -0.72 -18.90
C GLN A 264 -33.47 -0.23 -19.44
N ALA A 265 -33.43 0.31 -20.64
CA ALA A 265 -32.21 0.83 -21.24
C ALA A 265 -31.56 1.79 -20.26
N VAL A 266 -32.32 2.73 -19.72
CA VAL A 266 -31.75 3.64 -18.76
C VAL A 266 -31.34 2.86 -17.53
N LEU A 267 -32.09 1.90 -17.02
CA LEU A 267 -31.63 1.23 -15.84
C LEU A 267 -30.40 0.41 -16.13
N ASP A 268 -30.11 0.09 -17.38
CA ASP A 268 -28.97 -0.74 -17.68
C ASP A 268 -27.68 0.04 -17.75
N ARG A 269 -27.71 1.37 -17.64
CA ARG A 269 -26.49 2.16 -17.71
C ARG A 269 -25.52 1.65 -16.66
N ASN A 270 -26.11 1.39 -15.50
CA ASN A 270 -25.40 0.93 -14.32
C ASN A 270 -24.39 -0.15 -14.58
N LEU A 271 -24.67 -1.07 -15.49
CA LEU A 271 -23.77 -2.19 -15.72
C LEU A 271 -22.40 -1.73 -16.18
N ALA A 272 -22.37 -0.64 -16.93
CA ALA A 272 -21.13 -0.16 -17.44
C ALA A 272 -20.48 0.64 -16.32
N GLU A 273 -21.28 1.28 -15.48
CA GLU A 273 -20.73 2.09 -14.43
C GLU A 273 -20.16 1.17 -13.36
N ASN A 274 -20.51 -0.10 -13.38
CA ASN A 274 -20.05 -1.02 -12.36
C ASN A 274 -18.57 -1.27 -12.45
N ILE A 275 -17.90 -0.83 -13.49
CA ILE A 275 -16.47 -0.98 -13.56
C ILE A 275 -15.81 -0.20 -12.44
N SER A 276 -16.29 0.99 -12.02
CA SER A 276 -15.64 1.65 -10.92
C SER A 276 -16.43 1.48 -9.62
N ARG A 277 -17.32 0.51 -9.48
CA ARG A 277 -18.09 0.51 -8.27
C ARG A 277 -17.25 0.05 -7.09
N VAL A 278 -16.41 -0.98 -7.11
CA VAL A 278 -15.80 -1.38 -5.86
C VAL A 278 -14.39 -1.87 -6.11
N LEU A 279 -13.53 -1.83 -5.09
CA LEU A 279 -12.17 -2.31 -5.21
C LEU A 279 -12.30 -3.80 -4.97
N TYR A 280 -11.50 -4.63 -5.61
CA TYR A 280 -11.56 -6.04 -5.32
C TYR A 280 -10.69 -6.26 -4.11
N PRO A 281 -11.27 -6.80 -3.06
CA PRO A 281 -10.68 -6.92 -1.74
C PRO A 281 -9.74 -8.10 -1.78
N ASN A 282 -9.07 -8.52 -2.64
CA ASN A 282 -8.05 -9.57 -2.49
C ASN A 282 -6.68 -8.94 -2.18
N ASP A 283 -6.34 -9.08 -1.32
CA ASP A 283 -5.09 -8.69 -0.62
C ASP A 283 -3.93 -9.61 -1.20
N ASN A 284 -3.46 -9.15 -2.43
CA ASN A 284 -2.60 -9.95 -3.49
C ASN A 284 -2.63 -11.49 -3.27
N PHE A 285 -3.49 -11.82 -4.29
CA PHE A 285 -4.03 -13.08 -4.71
C PHE A 285 -4.86 -12.76 -5.93
N PHE A 286 -4.67 -13.53 -6.98
CA PHE A 286 -5.41 -13.32 -8.23
C PHE A 286 -6.75 -14.07 -8.19
N GLU A 287 -7.70 -13.28 -9.19
CA GLU A 287 -9.07 -13.72 -9.18
C GLU A 287 -9.32 -13.56 -10.66
N GLY A 288 -9.73 -14.57 -11.41
CA GLY A 288 -9.92 -14.35 -12.82
C GLY A 288 -11.30 -13.81 -13.03
N LYS A 289 -11.65 -12.60 -12.65
CA LYS A 289 -13.01 -12.22 -12.86
C LYS A 289 -12.96 -11.12 -13.89
N GLU A 290 -13.94 -11.16 -14.77
CA GLU A 290 -13.97 -10.31 -15.93
C GLU A 290 -14.13 -8.89 -15.54
N LEU A 291 -14.71 -8.60 -14.39
CA LEU A 291 -14.94 -7.21 -14.08
C LEU A 291 -13.59 -6.72 -13.60
N ARG A 292 -12.72 -7.60 -13.10
CA ARG A 292 -11.43 -7.09 -12.71
C ARG A 292 -10.68 -6.79 -14.00
N LEU A 293 -10.70 -7.68 -14.97
CA LEU A 293 -10.01 -7.42 -16.23
C LEU A 293 -10.54 -6.13 -16.83
N LYS A 294 -11.84 -5.84 -16.74
CA LYS A 294 -12.39 -4.62 -17.26
C LYS A 294 -11.81 -3.44 -16.52
N GLN A 295 -11.52 -3.57 -15.24
CA GLN A 295 -10.97 -2.45 -14.52
C GLN A 295 -9.58 -2.21 -15.04
N GLU A 296 -8.76 -3.25 -15.02
CA GLU A 296 -7.39 -3.15 -15.47
C GLU A 296 -7.34 -2.62 -16.88
N TYR A 297 -8.19 -2.99 -17.79
CA TYR A 297 -8.05 -2.38 -19.09
C TYR A 297 -8.51 -0.92 -19.05
N PHE A 298 -9.61 -0.67 -18.36
CA PHE A 298 -10.16 0.66 -18.28
C PHE A 298 -9.10 1.64 -17.80
N VAL A 299 -8.31 1.33 -16.79
CA VAL A 299 -7.31 2.26 -16.31
C VAL A 299 -6.31 2.61 -17.40
N VAL A 300 -5.76 1.55 -17.96
CA VAL A 300 -4.74 1.70 -18.95
C VAL A 300 -5.24 2.48 -20.15
N ALA A 301 -6.38 2.17 -20.72
CA ALA A 301 -6.77 2.86 -21.93
C ALA A 301 -7.03 4.33 -21.68
N ALA A 302 -7.67 4.64 -20.56
CA ALA A 302 -8.01 6.01 -20.36
C ALA A 302 -6.72 6.75 -20.09
N THR A 303 -5.88 6.22 -19.21
CA THR A 303 -4.65 6.89 -18.90
C THR A 303 -3.74 7.10 -20.09
N LEU A 304 -3.59 6.09 -20.94
CA LEU A 304 -2.66 6.26 -22.00
C LEU A 304 -3.21 7.31 -22.92
N GLN A 305 -4.51 7.54 -23.06
CA GLN A 305 -4.90 8.59 -23.97
C GLN A 305 -4.46 9.90 -23.38
N ASP A 306 -4.43 10.00 -22.05
CA ASP A 306 -4.09 11.26 -21.42
C ASP A 306 -2.61 11.49 -21.52
N ILE A 307 -1.86 10.41 -21.58
CA ILE A 307 -0.42 10.51 -21.74
C ILE A 307 -0.11 10.99 -23.15
N ILE A 308 -0.69 10.34 -24.17
CA ILE A 308 -0.43 10.69 -25.55
C ILE A 308 -0.84 12.13 -25.79
N ARG A 309 -1.96 12.52 -25.33
CA ARG A 309 -2.51 13.88 -25.32
C ARG A 309 -1.49 14.87 -24.74
N ARG A 310 -0.87 14.65 -23.55
CA ARG A 310 0.09 15.65 -23.14
C ARG A 310 1.30 15.63 -24.06
N PHE A 311 1.74 14.47 -24.56
CA PHE A 311 2.91 14.44 -25.41
C PHE A 311 2.68 15.25 -26.68
N LYS A 312 1.53 15.03 -27.25
CA LYS A 312 1.31 15.71 -28.52
C LYS A 312 1.08 17.19 -28.33
N SER A 313 0.76 17.61 -27.16
CA SER A 313 0.49 19.04 -26.99
C SER A 313 1.71 19.77 -26.44
N SER A 314 2.54 19.19 -25.68
CA SER A 314 3.63 19.99 -25.23
C SER A 314 4.81 20.09 -26.20
N LYS A 315 4.93 21.32 -26.53
CA LYS A 315 5.99 21.86 -27.23
C LYS A 315 6.23 21.12 -28.56
N PHE A 316 5.79 19.86 -28.60
CA PHE A 316 5.64 19.10 -29.84
C PHE A 316 4.41 19.60 -30.57
N GLY A 317 3.94 20.69 -29.92
CA GLY A 317 2.68 21.45 -30.17
C GLY A 317 2.60 22.27 -31.13
N CYS A 318 3.81 22.37 -31.45
CA CYS A 318 4.05 23.09 -32.68
C CYS A 318 5.33 22.62 -33.32
N ARG A 319 5.84 21.54 -32.86
CA ARG A 319 6.94 21.03 -33.57
C ARG A 319 6.27 20.44 -34.75
N ASP A 320 6.48 21.08 -35.83
CA ASP A 320 5.86 20.73 -37.09
C ASP A 320 6.59 19.55 -37.74
N PRO A 321 7.17 19.64 -38.96
CA PRO A 321 7.01 18.71 -40.05
C PRO A 321 7.74 17.39 -39.87
N VAL A 322 7.39 16.47 -38.99
CA VAL A 322 8.11 15.23 -39.07
C VAL A 322 7.02 14.31 -39.53
N ARG A 323 5.88 14.27 -38.86
CA ARG A 323 4.73 13.46 -39.20
C ARG A 323 4.17 14.04 -37.93
N THR A 324 4.56 13.38 -36.84
CA THR A 324 4.20 13.67 -35.45
C THR A 324 5.24 12.68 -34.95
N ASN A 325 6.20 12.81 -34.05
CA ASN A 325 6.98 11.59 -33.96
C ASN A 325 7.31 11.17 -32.58
N PHE A 326 7.16 9.88 -32.39
CA PHE A 326 7.28 9.33 -31.07
C PHE A 326 8.69 8.94 -30.75
N ASP A 327 9.71 9.36 -31.49
CA ASP A 327 11.07 8.97 -31.14
C ASP A 327 11.41 9.48 -29.78
N ALA A 328 10.88 10.65 -29.47
CA ALA A 328 11.16 11.29 -28.20
C ALA A 328 10.22 10.87 -27.09
N PHE A 329 9.29 9.95 -27.37
CA PHE A 329 8.33 9.57 -26.36
C PHE A 329 9.01 9.06 -25.11
N PRO A 330 9.98 8.14 -25.06
CA PRO A 330 10.60 7.77 -23.80
C PRO A 330 11.42 8.88 -23.18
N ASP A 331 11.72 9.96 -23.87
CA ASP A 331 12.56 10.93 -23.21
C ASP A 331 11.57 11.88 -22.61
N LYS A 332 10.32 11.80 -22.99
CA LYS A 332 9.35 12.64 -22.35
C LYS A 332 8.37 11.80 -21.53
N VAL A 333 8.29 10.47 -21.60
CA VAL A 333 7.27 9.77 -20.82
C VAL A 333 7.96 8.61 -20.13
N ALA A 334 7.57 8.21 -18.93
CA ALA A 334 8.15 7.07 -18.27
C ALA A 334 6.88 6.53 -17.63
N ILE A 335 6.41 5.26 -17.65
CA ILE A 335 5.21 4.98 -16.91
C ILE A 335 5.69 3.85 -16.05
N GLN A 336 5.23 3.74 -14.81
CA GLN A 336 5.77 2.78 -13.89
C GLN A 336 4.62 1.84 -13.66
N LEU A 337 4.81 0.55 -13.85
CA LEU A 337 3.75 -0.40 -13.69
C LEU A 337 3.90 -0.87 -12.26
N ASN A 338 2.82 -0.73 -11.52
CA ASN A 338 2.84 -1.12 -10.12
C ASN A 338 2.13 -2.46 -10.05
N ASP A 339 2.97 -3.49 -10.07
CA ASP A 339 2.62 -4.90 -10.09
C ASP A 339 2.03 -5.19 -11.46
N THR A 340 1.56 -6.37 -11.84
CA THR A 340 1.16 -6.58 -13.21
C THR A 340 -0.19 -6.03 -13.51
N HIS A 341 -0.90 -5.53 -12.51
CA HIS A 341 -2.26 -5.12 -12.73
C HIS A 341 -2.38 -4.09 -13.85
N PRO A 342 -1.48 -3.19 -14.21
CA PRO A 342 -1.62 -2.53 -15.49
C PRO A 342 -0.77 -3.03 -16.66
N SER A 343 -0.42 -4.30 -16.81
CA SER A 343 0.41 -4.71 -17.90
C SER A 343 -0.27 -4.52 -19.25
N LEU A 344 -1.52 -4.18 -19.33
CA LEU A 344 -2.06 -4.04 -20.63
C LEU A 344 -1.56 -2.72 -21.19
N ALA A 345 -0.86 -1.86 -20.43
CA ALA A 345 -0.31 -0.65 -21.00
C ALA A 345 0.67 -1.07 -22.05
N ILE A 346 1.34 -2.21 -21.92
CA ILE A 346 2.26 -2.59 -22.96
C ILE A 346 1.50 -2.98 -24.22
N PRO A 347 0.55 -3.94 -24.34
CA PRO A 347 -0.19 -4.09 -25.59
C PRO A 347 -1.05 -2.91 -26.00
N GLU A 348 -1.49 -2.03 -25.09
CA GLU A 348 -2.32 -0.93 -25.49
C GLU A 348 -1.38 0.11 -26.07
N LEU A 349 -0.14 0.25 -25.58
CA LEU A 349 0.75 1.25 -26.13
C LEU A 349 1.07 0.74 -27.51
N MET A 350 1.33 -0.54 -27.70
CA MET A 350 1.57 -1.02 -29.04
C MET A 350 0.33 -0.85 -29.91
N ARG A 351 -0.86 -1.01 -29.38
CA ARG A 351 -2.06 -0.93 -30.18
C ARG A 351 -2.17 0.49 -30.67
N VAL A 352 -1.94 1.45 -29.79
CA VAL A 352 -2.08 2.81 -30.23
C VAL A 352 -1.00 3.13 -31.23
N LEU A 353 0.25 2.81 -30.93
CA LEU A 353 1.28 3.23 -31.82
C LEU A 353 1.19 2.54 -33.16
N VAL A 354 1.01 1.23 -33.18
CA VAL A 354 1.03 0.54 -34.44
C VAL A 354 -0.26 0.79 -35.15
N ASP A 355 -1.38 0.45 -34.56
CA ASP A 355 -2.63 0.53 -35.30
C ASP A 355 -3.06 1.93 -35.50
N LEU A 356 -2.91 2.81 -34.52
CA LEU A 356 -3.42 4.14 -34.73
C LEU A 356 -2.38 5.10 -35.23
N GLU A 357 -1.16 5.20 -34.73
CA GLU A 357 -0.30 6.21 -35.30
C GLU A 357 0.45 5.60 -36.45
N ARG A 358 0.20 4.34 -36.74
CA ARG A 358 0.81 3.62 -37.85
C ARG A 358 2.31 3.59 -37.85
N LEU A 359 2.93 3.30 -36.72
CA LEU A 359 4.37 3.16 -36.68
C LEU A 359 4.65 1.72 -37.04
N ASP A 360 5.91 1.48 -37.31
CA ASP A 360 6.39 0.19 -37.71
C ASP A 360 6.52 -0.48 -36.36
N TRP A 361 6.06 -1.71 -36.32
CA TRP A 361 6.05 -2.52 -35.13
C TRP A 361 7.39 -2.47 -34.39
N ASP A 362 8.52 -2.55 -35.07
CA ASP A 362 9.78 -2.61 -34.38
C ASP A 362 10.07 -1.28 -33.73
N LYS A 363 9.72 -0.17 -34.38
CA LYS A 363 10.00 1.12 -33.82
C LYS A 363 9.12 1.29 -32.61
N ALA A 364 7.85 0.96 -32.77
CA ALA A 364 6.92 1.11 -31.70
C ALA A 364 7.40 0.30 -30.52
N TRP A 365 7.92 -0.90 -30.73
CA TRP A 365 8.36 -1.72 -29.63
C TRP A 365 9.52 -1.05 -28.96
N GLU A 366 10.45 -0.37 -29.63
CA GLU A 366 11.56 0.11 -28.84
C GLU A 366 11.05 1.28 -28.04
N VAL A 367 10.10 2.04 -28.54
CA VAL A 367 9.60 3.12 -27.74
C VAL A 367 8.86 2.52 -26.55
N THR A 368 8.09 1.44 -26.69
CA THR A 368 7.39 0.84 -25.58
C THR A 368 8.35 0.35 -24.49
N VAL A 369 9.36 -0.46 -24.81
CA VAL A 369 10.27 -0.99 -23.82
C VAL A 369 10.93 0.17 -23.10
N LYS A 370 11.31 1.19 -23.83
CA LYS A 370 11.97 2.28 -23.18
C LYS A 370 11.01 3.13 -22.37
N THR A 371 9.70 3.10 -22.57
CA THR A 371 8.82 3.80 -21.68
C THR A 371 8.53 2.94 -20.45
N CYS A 372 8.32 1.63 -20.58
CA CYS A 372 7.78 0.83 -19.50
C CYS A 372 8.73 0.30 -18.46
N ALA A 373 8.29 0.06 -17.24
CA ALA A 373 9.16 -0.51 -16.23
C ALA A 373 8.18 -1.26 -15.35
N TYR A 374 8.51 -2.38 -14.68
CA TYR A 374 7.55 -3.18 -13.94
C TYR A 374 8.03 -3.41 -12.52
N THR A 375 7.23 -3.20 -11.48
CA THR A 375 7.73 -3.46 -10.15
C THR A 375 7.08 -4.76 -9.67
N ASN A 376 7.83 -5.75 -9.24
CA ASN A 376 7.23 -6.99 -8.88
C ASN A 376 7.12 -7.02 -7.38
N HIS A 377 5.96 -7.39 -6.85
CA HIS A 377 5.77 -7.37 -5.43
C HIS A 377 5.73 -8.74 -4.76
N THR A 378 5.62 -9.92 -5.36
CA THR A 378 5.48 -11.10 -4.53
C THR A 378 6.07 -12.26 -5.31
N VAL A 379 6.47 -13.30 -4.58
CA VAL A 379 7.00 -14.50 -5.21
C VAL A 379 5.93 -15.57 -5.07
N ILE A 380 4.95 -15.27 -4.25
CA ILE A 380 3.90 -16.21 -3.99
C ILE A 380 3.06 -16.40 -5.25
N PRO A 381 2.98 -17.65 -5.70
CA PRO A 381 2.38 -18.02 -6.95
C PRO A 381 0.92 -17.65 -7.01
N GLU A 382 0.19 -17.81 -5.93
CA GLU A 382 -1.24 -17.58 -5.97
C GLU A 382 -1.63 -16.15 -6.33
N ALA A 383 -0.70 -15.25 -6.15
CA ALA A 383 -1.00 -13.88 -6.40
C ALA A 383 -0.75 -13.56 -7.85
N LEU A 384 -0.09 -14.43 -8.61
CA LEU A 384 0.29 -14.04 -9.95
C LEU A 384 -0.89 -14.23 -10.86
N GLU A 385 -0.95 -13.30 -11.82
CA GLU A 385 -2.06 -13.21 -12.72
C GLU A 385 -1.73 -13.92 -14.00
N ARG A 386 -2.55 -14.85 -14.42
CA ARG A 386 -2.28 -15.51 -15.66
C ARG A 386 -3.70 -15.25 -16.13
N TRP A 387 -4.03 -14.51 -17.16
CA TRP A 387 -5.44 -14.37 -17.48
C TRP A 387 -5.75 -15.45 -18.48
N PRO A 388 -6.88 -16.14 -18.40
CA PRO A 388 -7.32 -17.09 -19.41
C PRO A 388 -7.45 -16.43 -20.76
N VAL A 389 -6.81 -17.06 -21.74
CA VAL A 389 -6.76 -16.54 -23.09
C VAL A 389 -8.18 -16.54 -23.69
N HIS A 390 -9.09 -17.36 -23.18
CA HIS A 390 -10.44 -17.36 -23.69
C HIS A 390 -11.16 -16.11 -23.24
N LEU A 391 -10.74 -15.51 -22.15
CA LEU A 391 -11.46 -14.36 -21.70
C LEU A 391 -10.86 -13.22 -22.50
N LEU A 392 -9.55 -13.23 -22.70
CA LEU A 392 -8.88 -12.16 -23.41
C LEU A 392 -9.37 -12.06 -24.84
N GLU A 393 -9.63 -13.21 -25.44
CA GLU A 393 -10.12 -13.28 -26.80
C GLU A 393 -11.42 -12.53 -26.85
N THR A 394 -12.29 -12.81 -25.91
CA THR A 394 -13.58 -12.20 -25.94
C THR A 394 -13.63 -10.69 -25.75
N LEU A 395 -12.99 -10.25 -24.68
CA LEU A 395 -13.13 -8.87 -24.26
C LEU A 395 -12.21 -7.94 -25.00
N LEU A 396 -11.00 -8.43 -25.27
CA LEU A 396 -9.96 -7.61 -25.86
C LEU A 396 -9.26 -8.33 -27.00
N PRO A 397 -9.88 -8.64 -28.15
CA PRO A 397 -9.28 -9.49 -29.16
C PRO A 397 -8.01 -8.91 -29.78
N ARG A 398 -7.93 -7.61 -30.01
CA ARG A 398 -6.73 -7.08 -30.59
C ARG A 398 -5.59 -7.27 -29.62
N HIS A 399 -5.80 -7.10 -28.34
CA HIS A 399 -4.70 -7.15 -27.43
C HIS A 399 -4.25 -8.59 -27.40
N LEU A 400 -5.12 -9.58 -27.56
CA LEU A 400 -4.60 -10.93 -27.62
C LEU A 400 -3.65 -11.08 -28.82
N GLN A 401 -3.98 -10.51 -29.98
CA GLN A 401 -3.14 -10.66 -31.14
C GLN A 401 -1.75 -10.10 -30.88
N ILE A 402 -1.76 -8.91 -30.33
CA ILE A 402 -0.53 -8.24 -30.05
C ILE A 402 0.21 -9.10 -29.07
N ILE A 403 -0.39 -9.64 -28.03
CA ILE A 403 0.38 -10.39 -27.06
C ILE A 403 1.02 -11.60 -27.72
N TYR A 404 0.27 -12.19 -28.65
CA TYR A 404 0.76 -13.36 -29.35
C TYR A 404 1.98 -12.98 -30.20
N GLU A 405 1.92 -11.84 -30.86
CA GLU A 405 3.02 -11.42 -31.69
C GLU A 405 4.23 -11.11 -30.80
N ILE A 406 3.96 -10.51 -29.64
CA ILE A 406 5.04 -10.16 -28.74
C ILE A 406 5.77 -11.46 -28.44
N ASN A 407 4.98 -12.38 -27.89
CA ASN A 407 5.45 -13.67 -27.44
C ASN A 407 6.31 -14.30 -28.48
N GLN A 408 5.80 -14.33 -29.72
CA GLN A 408 6.52 -14.86 -30.87
C GLN A 408 7.94 -14.37 -30.90
N ARG A 409 8.01 -13.06 -31.06
CA ARG A 409 9.30 -12.46 -31.26
C ARG A 409 10.18 -12.59 -30.05
N PHE A 410 9.55 -12.73 -28.90
CA PHE A 410 10.32 -12.81 -27.70
C PHE A 410 10.96 -14.18 -27.74
N LEU A 411 10.18 -15.20 -28.09
CA LEU A 411 10.69 -16.53 -28.03
C LEU A 411 11.70 -16.71 -29.14
N ASN A 412 11.57 -16.01 -30.26
CA ASN A 412 12.55 -16.17 -31.31
C ASN A 412 13.87 -15.59 -30.87
N ARG A 413 13.84 -14.63 -29.95
CA ARG A 413 15.04 -14.01 -29.44
C ARG A 413 15.68 -15.04 -28.54
N VAL A 414 14.85 -15.72 -27.77
CA VAL A 414 15.33 -16.74 -26.88
C VAL A 414 15.96 -17.88 -27.65
N ALA A 415 15.30 -18.36 -28.70
CA ALA A 415 15.75 -19.49 -29.46
C ALA A 415 17.14 -19.20 -29.93
N ALA A 416 17.27 -18.02 -30.51
CA ALA A 416 18.55 -17.66 -31.04
C ALA A 416 19.56 -17.60 -29.93
N ALA A 417 19.21 -17.28 -28.70
CA ALA A 417 20.24 -17.17 -27.70
C ALA A 417 20.48 -18.51 -27.04
N PHE A 418 19.52 -19.42 -26.96
CA PHE A 418 19.77 -20.65 -26.26
C PHE A 418 19.43 -21.77 -27.20
N PRO A 419 20.21 -21.96 -28.27
CA PRO A 419 19.85 -22.82 -29.36
C PRO A 419 19.67 -24.26 -28.94
N GLY A 420 18.41 -24.69 -28.98
CA GLY A 420 18.07 -26.06 -28.72
C GLY A 420 17.39 -26.16 -27.37
N ASP A 421 17.36 -25.17 -26.48
CA ASP A 421 16.80 -25.44 -25.17
C ASP A 421 15.33 -25.17 -25.34
N VAL A 422 14.70 -26.30 -25.66
CA VAL A 422 13.28 -26.33 -25.95
C VAL A 422 12.55 -26.04 -24.65
N ASP A 423 13.01 -26.52 -23.50
CA ASP A 423 12.24 -26.26 -22.31
C ASP A 423 12.29 -24.83 -21.89
N ARG A 424 13.35 -24.12 -22.26
CA ARG A 424 13.40 -22.72 -21.98
C ARG A 424 12.20 -22.12 -22.67
N LEU A 425 11.94 -22.45 -23.94
CA LEU A 425 10.82 -21.86 -24.65
C LEU A 425 9.55 -22.19 -23.93
N ARG A 426 9.49 -23.39 -23.41
CA ARG A 426 8.35 -23.83 -22.66
C ARG A 426 8.14 -22.93 -21.46
N ARG A 427 9.15 -22.80 -20.59
CA ARG A 427 9.10 -22.00 -19.38
C ARG A 427 8.83 -20.52 -19.61
N MET A 428 9.59 -19.93 -20.53
CA MET A 428 9.54 -18.52 -20.76
C MET A 428 8.38 -18.02 -21.57
N SER A 429 7.60 -18.82 -22.24
CA SER A 429 6.55 -18.26 -23.06
C SER A 429 5.62 -17.40 -22.23
N LEU A 430 5.04 -16.37 -22.84
CA LEU A 430 4.08 -15.61 -22.07
C LEU A 430 2.83 -16.45 -22.08
N VAL A 431 2.66 -17.53 -22.85
CA VAL A 431 1.38 -18.21 -22.82
C VAL A 431 1.59 -19.54 -22.13
N GLU A 432 0.81 -19.80 -21.09
CA GLU A 432 0.92 -20.98 -20.28
C GLU A 432 -0.02 -21.95 -20.95
N GLU A 433 0.53 -22.96 -21.58
CA GLU A 433 -0.26 -23.92 -22.29
C GLU A 433 -0.80 -24.90 -21.30
N GLY A 434 -1.82 -25.63 -21.75
CA GLY A 434 -2.25 -26.79 -21.00
C GLY A 434 -3.58 -26.57 -20.35
N ALA A 435 -4.55 -27.38 -20.76
CA ALA A 435 -5.90 -27.36 -20.26
C ALA A 435 -6.51 -25.99 -20.39
N VAL A 436 -6.26 -24.99 -19.55
CA VAL A 436 -6.89 -23.73 -19.78
C VAL A 436 -5.62 -22.96 -19.96
N LYS A 437 -5.45 -22.61 -21.22
CA LYS A 437 -4.31 -21.89 -21.75
C LYS A 437 -4.53 -20.51 -21.17
N ARG A 438 -3.49 -19.87 -20.65
CA ARG A 438 -3.66 -18.60 -19.98
C ARG A 438 -2.46 -17.74 -20.32
N ILE A 439 -2.42 -16.47 -19.96
CA ILE A 439 -1.32 -15.62 -20.36
C ILE A 439 -0.67 -15.09 -19.10
N ASN A 440 0.62 -15.33 -18.92
CA ASN A 440 1.31 -14.95 -17.71
C ASN A 440 1.68 -13.48 -17.81
N MET A 441 0.98 -12.69 -17.00
CA MET A 441 1.17 -11.25 -16.97
C MET A 441 2.57 -10.86 -16.58
N ALA A 442 3.18 -11.56 -15.63
CA ALA A 442 4.53 -11.21 -15.23
C ALA A 442 5.49 -11.33 -16.41
N HIS A 443 5.32 -12.36 -17.25
CA HIS A 443 6.21 -12.54 -18.36
C HIS A 443 5.96 -11.42 -19.34
N LEU A 444 4.73 -10.97 -19.53
CA LEU A 444 4.47 -9.86 -20.43
C LEU A 444 5.31 -8.68 -19.97
N CYS A 445 5.17 -8.35 -18.70
CA CYS A 445 5.86 -7.21 -18.15
C CYS A 445 7.35 -7.28 -18.29
N ILE A 446 7.98 -8.41 -18.07
CA ILE A 446 9.41 -8.44 -18.18
C ILE A 446 9.76 -8.32 -19.65
N ALA A 447 8.96 -8.87 -20.55
CA ALA A 447 9.35 -8.83 -21.94
C ALA A 447 9.27 -7.42 -22.45
N GLY A 448 8.32 -6.61 -22.03
CA GLY A 448 8.23 -5.31 -22.65
C GLY A 448 8.63 -4.18 -21.74
N SER A 449 9.34 -4.37 -20.63
CA SER A 449 9.75 -3.26 -19.82
C SER A 449 11.27 -3.19 -19.94
N HIS A 450 11.86 -2.02 -19.71
CA HIS A 450 13.28 -1.98 -19.73
C HIS A 450 13.80 -2.19 -18.33
N ALA A 451 13.07 -2.18 -17.22
CA ALA A 451 13.73 -2.34 -15.93
C ALA A 451 12.69 -3.14 -15.21
N VAL A 452 13.06 -3.98 -14.25
CA VAL A 452 12.09 -4.79 -13.57
C VAL A 452 12.73 -4.71 -12.21
N ASN A 453 12.03 -4.37 -11.14
CA ASN A 453 12.67 -4.36 -9.84
C ASN A 453 11.83 -5.05 -8.81
N GLY A 454 12.53 -5.59 -7.84
CA GLY A 454 11.88 -6.14 -6.71
C GLY A 454 11.95 -5.00 -5.72
N VAL A 455 11.25 -5.15 -4.61
CA VAL A 455 11.22 -4.13 -3.59
C VAL A 455 12.04 -4.37 -2.33
N ALA A 456 13.02 -5.26 -2.22
CA ALA A 456 13.86 -5.35 -1.03
C ALA A 456 15.02 -6.11 -1.63
N ARG A 457 16.26 -6.05 -1.16
CA ARG A 457 17.34 -6.65 -1.90
C ARG A 457 17.24 -8.16 -1.91
N ILE A 458 16.67 -8.72 -0.86
CA ILE A 458 16.56 -10.15 -0.75
C ILE A 458 15.50 -10.62 -1.73
N HIS A 459 14.43 -9.86 -1.89
CA HIS A 459 13.39 -10.24 -2.79
C HIS A 459 13.96 -10.07 -4.18
N SER A 460 14.92 -9.20 -4.45
CA SER A 460 15.39 -9.15 -5.79
C SER A 460 16.39 -10.26 -6.05
N GLU A 461 17.15 -10.71 -5.06
CA GLU A 461 18.06 -11.78 -5.35
C GLU A 461 17.21 -12.98 -5.66
N ILE A 462 16.23 -13.26 -4.81
CA ILE A 462 15.34 -14.37 -5.04
C ILE A 462 14.67 -14.28 -6.40
N LEU A 463 14.17 -13.12 -6.85
CA LEU A 463 13.58 -13.05 -8.17
C LEU A 463 14.57 -13.48 -9.23
N LYS A 464 15.85 -13.14 -9.07
CA LYS A 464 16.82 -13.52 -10.06
C LYS A 464 17.19 -14.97 -10.00
N LYS A 465 17.03 -15.66 -8.87
CA LYS A 465 17.49 -17.03 -8.81
C LYS A 465 16.31 -17.90 -9.09
N THR A 466 15.23 -17.63 -8.42
CA THR A 466 14.16 -18.53 -8.62
C THR A 466 13.25 -18.15 -9.78
N ILE A 467 12.20 -17.34 -9.58
CA ILE A 467 11.25 -17.23 -10.65
C ILE A 467 11.69 -16.56 -11.91
N PHE A 468 12.45 -15.50 -11.96
CA PHE A 468 12.66 -15.00 -13.27
C PHE A 468 14.05 -15.34 -13.68
N LYS A 469 14.66 -16.41 -13.20
CA LYS A 469 16.03 -16.68 -13.57
C LYS A 469 16.24 -16.72 -15.07
N ASP A 470 15.25 -17.23 -15.79
CA ASP A 470 15.36 -17.32 -17.22
C ASP A 470 15.45 -15.97 -17.86
N PHE A 471 14.68 -15.04 -17.33
CA PHE A 471 14.62 -13.74 -17.91
C PHE A 471 15.88 -13.04 -17.46
N TYR A 472 16.39 -13.35 -16.28
CA TYR A 472 17.62 -12.75 -15.83
C TYR A 472 18.69 -13.17 -16.84
N GLU A 473 18.85 -14.45 -17.14
CA GLU A 473 19.86 -14.93 -18.06
C GLU A 473 19.69 -14.35 -19.45
N LEU A 474 18.49 -14.07 -19.93
CA LEU A 474 18.33 -13.50 -21.26
C LEU A 474 18.69 -12.03 -21.12
N GLU A 475 18.19 -11.28 -20.16
CA GLU A 475 18.47 -9.87 -20.10
C GLU A 475 18.82 -9.49 -18.67
N PRO A 476 20.02 -9.79 -18.18
CA PRO A 476 20.45 -9.53 -16.82
C PRO A 476 20.31 -8.06 -16.53
N HIS A 477 20.63 -7.28 -17.55
CA HIS A 477 20.63 -5.84 -17.48
C HIS A 477 19.32 -5.25 -17.01
N LYS A 478 18.25 -5.99 -17.11
CA LYS A 478 16.98 -5.42 -16.85
C LYS A 478 16.64 -5.48 -15.36
N PHE A 479 17.23 -6.41 -14.65
CA PHE A 479 16.82 -6.67 -13.29
C PHE A 479 17.47 -5.77 -12.27
N GLN A 480 16.68 -5.06 -11.47
CA GLN A 480 17.18 -4.09 -10.53
C GLN A 480 16.53 -4.32 -9.19
N ASN A 481 16.82 -3.54 -8.17
CA ASN A 481 16.15 -3.73 -6.91
C ASN A 481 15.83 -2.33 -6.43
N LYS A 482 14.81 -2.03 -5.64
CA LYS A 482 14.68 -0.72 -5.07
C LYS A 482 13.93 -1.03 -3.79
N THR A 483 14.59 -1.09 -2.64
CA THR A 483 13.96 -1.35 -1.36
C THR A 483 12.92 -0.25 -1.13
N ASN A 484 11.78 -0.70 -0.59
CA ASN A 484 10.64 0.12 -0.29
C ASN A 484 10.99 1.16 0.73
N GLY A 485 10.08 2.07 1.02
CA GLY A 485 10.35 3.12 1.94
C GLY A 485 8.98 3.60 2.36
N ILE A 486 8.98 4.53 3.33
CA ILE A 486 7.81 5.01 4.06
C ILE A 486 7.99 6.53 4.05
N THR A 487 7.00 7.40 4.20
CA THR A 487 7.24 8.83 4.16
C THR A 487 7.21 9.27 5.60
N PRO A 488 8.29 9.88 6.01
CA PRO A 488 8.43 10.35 7.37
C PRO A 488 7.39 11.40 7.68
N ARG A 489 6.77 12.05 6.70
CA ARG A 489 5.79 13.03 7.07
C ARG A 489 4.62 12.32 7.75
N ARG A 490 3.81 11.53 7.07
CA ARG A 490 2.69 10.92 7.72
C ARG A 490 3.15 9.93 8.79
N TRP A 491 4.24 9.20 8.56
CA TRP A 491 4.63 8.17 9.49
C TRP A 491 5.56 8.67 10.58
N LEU A 492 5.75 9.95 10.76
CA LEU A 492 6.52 10.38 11.90
C LEU A 492 5.89 11.69 12.25
N VAL A 493 6.02 12.72 11.43
CA VAL A 493 5.52 14.04 11.76
C VAL A 493 4.04 14.09 12.06
N LEU A 494 3.25 13.38 11.28
CA LEU A 494 1.84 13.46 11.48
C LEU A 494 1.39 12.43 12.52
N CYS A 495 1.77 11.18 12.54
CA CYS A 495 1.21 10.40 13.60
C CYS A 495 1.99 10.58 14.89
N ASN A 496 3.19 11.11 14.94
CA ASN A 496 3.89 11.09 16.21
C ASN A 496 4.63 12.42 16.37
N PRO A 497 3.94 13.55 16.51
CA PRO A 497 4.55 14.84 16.62
C PRO A 497 5.36 14.93 17.90
N GLY A 498 5.09 14.14 18.94
CA GLY A 498 5.87 14.23 20.14
C GLY A 498 7.30 13.83 19.85
N LEU A 499 7.45 12.69 19.22
CA LEU A 499 8.77 12.22 18.93
C LEU A 499 9.37 13.20 17.95
N ALA A 500 8.66 13.65 16.95
CA ALA A 500 9.30 14.57 16.04
C ALA A 500 9.72 15.86 16.75
N GLU A 501 9.05 16.29 17.81
CA GLU A 501 9.42 17.52 18.49
C GLU A 501 10.71 17.21 19.22
N ILE A 502 10.77 16.14 20.00
CA ILE A 502 11.96 15.94 20.77
C ILE A 502 13.17 15.69 19.90
N ILE A 503 12.96 15.15 18.71
CA ILE A 503 14.06 14.89 17.82
C ILE A 503 14.48 16.24 17.28
N ALA A 504 13.51 17.08 16.96
CA ALA A 504 13.78 18.38 16.39
C ALA A 504 14.51 19.26 17.38
N GLU A 505 14.19 19.28 18.67
CA GLU A 505 14.89 20.10 19.62
C GLU A 505 16.39 19.84 19.59
N ARG A 506 16.75 18.59 19.40
CA ARG A 506 18.12 18.21 19.41
C ARG A 506 18.72 18.45 18.04
N ILE A 507 18.17 17.94 16.94
CA ILE A 507 18.89 18.08 15.69
C ILE A 507 18.25 18.93 14.62
N GLY A 508 17.25 19.74 14.92
CA GLY A 508 16.69 20.60 13.91
C GLY A 508 15.61 19.89 13.11
N GLU A 509 15.03 20.59 12.13
CA GLU A 509 13.96 20.05 11.32
C GLU A 509 14.34 19.58 9.93
N GLU A 510 15.57 19.73 9.48
CA GLU A 510 15.96 19.31 8.14
C GLU A 510 15.67 17.83 7.84
N TYR A 511 15.59 17.01 8.89
CA TYR A 511 15.44 15.58 8.74
C TYR A 511 14.11 15.20 8.15
N ILE A 512 13.10 16.05 8.09
CA ILE A 512 11.83 15.62 7.57
C ILE A 512 11.95 15.52 6.04
N SER A 513 12.94 16.07 5.37
CA SER A 513 13.03 15.84 3.96
C SER A 513 14.46 15.38 3.76
N ASP A 514 14.99 14.67 4.74
CA ASP A 514 16.34 14.19 4.65
C ASP A 514 16.38 13.25 5.84
N LEU A 515 15.63 12.17 5.86
CA LEU A 515 15.63 11.29 7.01
C LEU A 515 17.01 10.76 7.37
N ASP A 516 17.98 10.61 6.49
CA ASP A 516 19.26 10.03 6.90
C ASP A 516 19.90 10.81 8.04
N GLN A 517 19.54 12.08 8.22
CA GLN A 517 20.12 12.86 9.28
C GLN A 517 19.73 12.37 10.65
N LEU A 518 18.80 11.44 10.69
CA LEU A 518 18.34 10.94 11.95
C LEU A 518 19.50 10.27 12.63
N ARG A 519 20.49 9.75 11.88
CA ARG A 519 21.53 9.10 12.62
C ARG A 519 22.46 9.99 13.44
N LYS A 520 22.28 11.31 13.47
CA LYS A 520 23.09 12.11 14.36
C LYS A 520 22.57 11.80 15.76
N LEU A 521 21.39 11.17 15.88
CA LEU A 521 20.86 10.81 17.18
C LEU A 521 21.72 9.75 17.84
N LEU A 522 22.70 9.20 17.16
CA LEU A 522 23.59 8.25 17.78
C LEU A 522 24.32 9.00 18.87
N SER A 523 24.59 10.30 18.73
CA SER A 523 25.26 11.06 19.76
C SER A 523 24.38 11.14 21.01
N TYR A 524 23.11 10.76 20.96
CA TYR A 524 22.35 10.92 22.16
C TYR A 524 22.01 9.57 22.73
N VAL A 525 22.60 8.44 22.36
CA VAL A 525 22.23 7.19 23.01
C VAL A 525 22.69 7.18 24.45
N ASP A 526 23.56 8.11 24.84
CA ASP A 526 24.07 8.11 26.18
C ASP A 526 23.55 9.37 26.82
N ASP A 527 22.57 10.06 26.24
CA ASP A 527 22.18 11.32 26.84
C ASP A 527 21.03 11.05 27.77
N GLU A 528 21.12 11.29 29.08
CA GLU A 528 20.02 10.91 29.95
C GLU A 528 18.80 11.78 29.74
N ALA A 529 18.91 12.97 29.20
CA ALA A 529 17.71 13.75 29.06
C ALA A 529 16.98 13.13 27.88
N PHE A 530 17.73 12.76 26.85
CA PHE A 530 17.15 12.22 25.65
C PHE A 530 16.51 10.91 26.00
N ILE A 531 17.14 10.03 26.77
CA ILE A 531 16.47 8.80 27.13
C ILE A 531 15.15 9.12 27.84
N ARG A 532 15.11 10.05 28.79
CA ARG A 532 13.88 10.29 29.51
C ARG A 532 12.80 10.76 28.56
N ASP A 533 13.24 11.62 27.66
CA ASP A 533 12.31 12.18 26.71
C ASP A 533 11.75 11.07 25.87
N VAL A 534 12.59 10.27 25.21
CA VAL A 534 12.11 9.24 24.32
C VAL A 534 11.09 8.37 25.03
N ALA A 535 11.42 7.89 26.21
CA ALA A 535 10.50 7.02 26.89
C ALA A 535 9.26 7.74 27.31
N LYS A 536 9.34 9.04 27.48
CA LYS A 536 8.16 9.74 27.92
C LYS A 536 7.21 9.83 26.76
N VAL A 537 7.66 10.11 25.54
CA VAL A 537 6.72 10.22 24.43
C VAL A 537 6.07 8.87 24.21
N LYS A 538 6.83 7.82 24.48
CA LYS A 538 6.28 6.51 24.28
C LYS A 538 5.16 6.30 25.29
N GLN A 539 5.38 6.61 26.57
CA GLN A 539 4.34 6.28 27.50
C GLN A 539 3.17 7.18 27.25
N GLU A 540 3.34 8.40 26.76
CA GLU A 540 2.19 9.23 26.55
C GLU A 540 1.37 8.66 25.43
N ASN A 541 2.02 8.26 24.36
CA ASN A 541 1.36 7.69 23.21
C ASN A 541 0.60 6.46 23.65
N LYS A 542 1.17 5.63 24.50
CA LYS A 542 0.44 4.47 24.93
C LYS A 542 -0.80 4.88 25.69
N LEU A 543 -0.70 5.94 26.48
CA LEU A 543 -1.84 6.35 27.22
C LEU A 543 -2.87 6.85 26.23
N LYS A 544 -2.53 7.65 25.22
CA LYS A 544 -3.55 8.16 24.33
C LYS A 544 -4.22 7.00 23.60
N PHE A 545 -3.50 5.94 23.29
CA PHE A 545 -4.11 4.85 22.56
C PHE A 545 -4.95 4.08 23.53
N ALA A 546 -4.52 3.88 24.75
CA ALA A 546 -5.28 3.07 25.68
C ALA A 546 -6.63 3.71 25.93
N ALA A 547 -6.65 5.02 25.94
CA ALA A 547 -7.89 5.72 26.16
C ALA A 547 -8.73 5.53 24.91
N TYR A 548 -8.18 5.63 23.70
CA TYR A 548 -8.96 5.50 22.48
C TYR A 548 -9.68 4.18 22.58
N LEU A 549 -8.89 3.19 22.94
CA LEU A 549 -9.37 1.86 23.00
C LEU A 549 -10.60 1.82 23.88
N GLU A 550 -10.62 2.38 25.08
CA GLU A 550 -11.85 2.18 25.79
C GLU A 550 -12.87 3.22 25.37
N ARG A 551 -12.54 4.43 24.94
CA ARG A 551 -13.60 5.35 24.66
C ARG A 551 -14.29 4.96 23.38
N GLU A 552 -13.72 4.25 22.43
CA GLU A 552 -14.55 3.97 21.29
C GLU A 552 -14.94 2.51 21.35
N TYR A 553 -14.49 1.70 22.30
CA TYR A 553 -14.85 0.31 22.29
C TYR A 553 -15.00 0.03 23.78
N LYS A 554 -14.41 -0.95 24.45
CA LYS A 554 -14.67 -1.14 25.87
C LYS A 554 -13.40 -1.90 26.09
N VAL A 555 -12.57 -1.69 27.11
CA VAL A 555 -11.30 -2.35 27.11
C VAL A 555 -10.56 -2.64 28.43
N HIS A 556 -10.26 -1.66 29.28
CA HIS A 556 -9.33 -1.79 30.39
C HIS A 556 -8.12 -2.68 30.04
N ILE A 557 -7.12 -2.00 29.48
CA ILE A 557 -5.89 -2.68 29.16
C ILE A 557 -5.00 -2.01 30.18
N ASN A 558 -3.79 -2.51 30.42
CA ASN A 558 -2.95 -1.98 31.45
C ASN A 558 -1.98 -1.19 30.62
N PRO A 559 -1.72 0.08 30.84
CA PRO A 559 -0.88 0.86 29.97
C PRO A 559 0.58 0.61 30.25
N ASN A 560 0.96 -0.05 31.32
CA ASN A 560 2.38 -0.21 31.50
C ASN A 560 2.73 -1.62 31.08
N SER A 561 2.13 -2.13 30.00
CA SER A 561 2.42 -3.45 29.52
C SER A 561 3.42 -3.23 28.40
N LEU A 562 3.92 -4.33 27.84
CA LEU A 562 4.70 -4.26 26.65
C LEU A 562 3.52 -4.27 25.68
N PHE A 563 3.43 -3.41 24.68
CA PHE A 563 2.30 -3.37 23.81
C PHE A 563 2.94 -4.16 22.71
N ASP A 564 2.51 -5.39 22.48
CA ASP A 564 3.10 -6.30 21.52
C ASP A 564 2.11 -6.29 20.37
N VAL A 565 2.40 -5.82 19.17
CA VAL A 565 1.34 -5.78 18.19
C VAL A 565 1.69 -6.21 16.76
N GLN A 566 0.82 -6.95 16.10
CA GLN A 566 1.06 -7.39 14.74
C GLN A 566 -0.11 -6.83 13.97
N VAL A 567 0.00 -5.78 13.17
CA VAL A 567 -1.19 -5.30 12.48
C VAL A 567 -0.76 -5.38 11.02
N LYS A 568 -1.52 -6.04 10.13
CA LYS A 568 -1.19 -6.23 8.75
C LYS A 568 -2.32 -7.09 8.22
N ARG A 569 -2.39 -7.41 6.93
CA ARG A 569 -3.50 -8.17 6.39
C ARG A 569 -3.37 -9.60 6.90
N ILE A 570 -4.48 -10.26 7.24
CA ILE A 570 -4.45 -11.59 7.83
C ILE A 570 -4.13 -12.60 6.75
N HIS A 571 -3.15 -13.48 6.83
CA HIS A 571 -2.88 -14.35 5.71
C HIS A 571 -2.06 -15.43 6.34
N GLU A 572 -1.92 -16.63 5.80
CA GLU A 572 -1.10 -17.56 6.52
C GLU A 572 0.37 -17.29 6.34
N TYR A 573 0.92 -16.76 5.25
CA TYR A 573 2.36 -16.61 5.27
C TYR A 573 2.77 -15.56 6.27
N LYS A 574 1.87 -14.62 6.60
CA LYS A 574 2.28 -13.60 7.52
C LYS A 574 2.34 -14.21 8.92
N ARG A 575 1.81 -15.41 9.11
CA ARG A 575 1.89 -16.19 10.32
C ARG A 575 1.37 -15.67 11.64
N GLN A 576 0.18 -15.10 11.59
CA GLN A 576 -0.48 -14.63 12.79
C GLN A 576 -0.62 -15.85 13.68
N LEU A 577 -0.78 -17.04 13.07
CA LEU A 577 -0.90 -18.25 13.86
C LEU A 577 0.29 -18.45 14.76
N LEU A 578 1.53 -18.19 14.32
CA LEU A 578 2.67 -18.43 15.17
C LEU A 578 2.50 -17.50 16.35
N ASN A 579 2.14 -16.26 16.13
CA ASN A 579 1.95 -15.36 17.24
C ASN A 579 0.86 -15.89 18.15
N CYS A 580 -0.20 -16.51 17.62
CA CYS A 580 -1.25 -17.10 18.41
C CYS A 580 -0.63 -18.20 19.26
N LEU A 581 0.30 -18.95 18.69
CA LEU A 581 0.85 -20.02 19.43
C LEU A 581 1.65 -19.37 20.55
N HIS A 582 2.28 -18.21 20.36
CA HIS A 582 3.05 -17.63 21.44
C HIS A 582 2.13 -17.26 22.58
N VAL A 583 1.00 -16.70 22.26
CA VAL A 583 0.12 -16.27 23.31
C VAL A 583 -0.38 -17.40 24.18
N ILE A 584 -0.82 -18.56 23.72
CA ILE A 584 -1.31 -19.43 24.76
C ILE A 584 -0.16 -20.13 25.43
N THR A 585 1.01 -20.18 24.85
CA THR A 585 2.11 -20.73 25.58
C THR A 585 2.24 -19.85 26.82
N LEU A 586 2.13 -18.55 26.64
CA LEU A 586 2.32 -17.61 27.72
C LEU A 586 1.19 -17.78 28.72
N TYR A 587 -0.05 -17.78 28.25
CA TYR A 587 -1.20 -17.94 29.10
C TYR A 587 -1.03 -19.23 29.89
N ASN A 588 -0.57 -20.30 29.27
CA ASN A 588 -0.45 -21.57 29.96
C ASN A 588 0.73 -21.60 30.91
N ARG A 589 1.82 -20.90 30.61
CA ARG A 589 2.99 -20.88 31.46
C ARG A 589 2.46 -20.22 32.72
N ILE A 590 1.73 -19.13 32.58
CA ILE A 590 1.20 -18.40 33.72
C ILE A 590 0.32 -19.37 34.48
N LYS A 591 -0.61 -19.99 33.77
CA LYS A 591 -1.60 -20.86 34.37
C LYS A 591 -0.95 -21.99 35.14
N LYS A 592 0.28 -22.42 34.89
CA LYS A 592 0.78 -23.52 35.65
C LYS A 592 1.54 -23.00 36.85
N GLU A 593 2.27 -21.92 36.83
CA GLU A 593 2.94 -21.53 38.04
C GLU A 593 2.53 -20.08 38.24
N PRO A 594 1.30 -19.89 38.68
CA PRO A 594 0.58 -18.64 38.58
C PRO A 594 1.15 -17.50 39.38
N ASN A 595 2.14 -17.70 40.25
CA ASN A 595 2.58 -16.63 41.10
C ASN A 595 4.00 -16.30 40.71
N LYS A 596 4.32 -16.48 39.45
CA LYS A 596 5.64 -16.17 38.96
C LYS A 596 5.49 -14.77 38.37
N PHE A 597 6.50 -13.92 38.43
CA PHE A 597 6.40 -12.60 37.88
C PHE A 597 6.67 -12.86 36.44
N VAL A 598 6.05 -12.06 35.60
CA VAL A 598 6.19 -12.21 34.20
C VAL A 598 5.88 -10.79 33.79
N VAL A 599 6.46 -10.33 32.70
CA VAL A 599 6.25 -8.99 32.23
C VAL A 599 4.92 -9.02 31.48
N PRO A 600 4.02 -8.10 31.83
CA PRO A 600 2.67 -8.00 31.31
C PRO A 600 2.73 -7.70 29.84
N ARG A 601 1.83 -8.20 29.01
CA ARG A 601 1.87 -7.89 27.59
C ARG A 601 0.44 -7.61 27.16
N THR A 602 0.20 -6.59 26.37
CA THR A 602 -1.11 -6.41 25.82
C THR A 602 -0.79 -6.79 24.39
N VAL A 603 -1.25 -7.95 23.93
CA VAL A 603 -0.95 -8.39 22.59
C VAL A 603 -2.07 -7.89 21.75
N MET A 604 -1.82 -7.10 20.73
CA MET A 604 -2.94 -6.67 19.91
C MET A 604 -2.64 -7.25 18.56
N ILE A 605 -3.57 -7.89 17.84
CA ILE A 605 -3.23 -8.44 16.55
C ILE A 605 -4.39 -7.91 15.75
N GLY A 606 -4.30 -7.47 14.51
CA GLY A 606 -5.49 -7.00 13.83
C GLY A 606 -5.16 -6.88 12.36
N GLY A 607 -6.15 -6.88 11.48
CA GLY A 607 -5.90 -6.78 10.06
C GLY A 607 -7.16 -7.32 9.42
N LYS A 608 -7.37 -7.16 8.13
CA LYS A 608 -8.58 -7.59 7.50
C LYS A 608 -8.20 -8.89 6.88
N ALA A 609 -9.16 -9.72 6.52
CA ALA A 609 -8.93 -10.99 5.86
C ALA A 609 -9.78 -10.89 4.61
N ALA A 610 -9.34 -11.35 3.44
CA ALA A 610 -10.15 -11.26 2.25
C ALA A 610 -11.37 -12.15 2.48
N PRO A 611 -12.58 -11.74 2.11
CA PRO A 611 -13.79 -12.55 2.21
C PRO A 611 -13.55 -13.88 1.50
N GLY A 612 -14.01 -15.03 1.94
CA GLY A 612 -13.70 -16.16 1.10
C GLY A 612 -12.44 -16.89 1.53
N TYR A 613 -11.39 -16.23 2.00
CA TYR A 613 -10.21 -16.94 2.44
C TYR A 613 -10.64 -17.58 3.76
N HIS A 614 -11.17 -18.80 3.70
CA HIS A 614 -11.66 -19.51 4.85
C HIS A 614 -10.65 -19.49 5.99
N MET A 615 -9.41 -19.81 5.66
CA MET A 615 -8.43 -19.94 6.70
C MET A 615 -8.23 -18.59 7.39
N ALA A 616 -8.09 -17.48 6.69
CA ALA A 616 -7.89 -16.22 7.37
C ALA A 616 -9.10 -15.88 8.21
N LYS A 617 -10.31 -16.17 7.76
CA LYS A 617 -11.48 -15.87 8.57
C LYS A 617 -11.42 -16.76 9.80
N MET A 618 -10.86 -17.94 9.70
CA MET A 618 -10.82 -18.79 10.85
C MET A 618 -9.81 -18.28 11.86
N ILE A 619 -8.65 -17.87 11.36
CA ILE A 619 -7.58 -17.37 12.21
C ILE A 619 -8.13 -16.22 13.01
N ILE A 620 -8.88 -15.30 12.40
CA ILE A 620 -9.45 -14.23 13.19
C ILE A 620 -10.29 -14.76 14.35
N LYS A 621 -11.11 -15.79 14.13
CA LYS A 621 -11.93 -16.29 15.22
C LYS A 621 -11.00 -16.85 16.25
N LEU A 622 -9.89 -17.48 15.91
CA LEU A 622 -8.99 -18.03 16.91
C LEU A 622 -8.54 -16.95 17.84
N ILE A 623 -8.15 -15.80 17.30
CA ILE A 623 -7.59 -14.77 18.15
C ILE A 623 -8.69 -14.29 19.08
N THR A 624 -9.91 -14.13 18.61
CA THR A 624 -10.87 -13.58 19.50
C THR A 624 -11.17 -14.69 20.50
N ALA A 625 -11.13 -15.95 20.10
CA ALA A 625 -11.43 -17.03 21.01
C ALA A 625 -10.42 -17.02 22.13
N ILE A 626 -9.16 -16.80 21.78
CA ILE A 626 -8.12 -16.79 22.76
C ILE A 626 -8.41 -15.64 23.71
N GLY A 627 -8.70 -14.46 23.19
CA GLY A 627 -8.92 -13.28 24.01
C GLY A 627 -10.09 -13.52 24.96
N ASP A 628 -11.13 -14.22 24.52
CA ASP A 628 -12.27 -14.49 25.34
C ASP A 628 -11.85 -15.27 26.56
N VAL A 629 -11.02 -16.27 26.37
CA VAL A 629 -10.62 -17.08 27.49
C VAL A 629 -9.69 -16.26 28.36
N VAL A 630 -8.57 -15.93 27.75
CA VAL A 630 -7.48 -15.32 28.47
C VAL A 630 -7.90 -14.08 29.20
N ASN A 631 -8.60 -13.20 28.54
CA ASN A 631 -8.90 -11.93 29.14
C ASN A 631 -9.89 -12.12 30.25
N HIS A 632 -10.45 -13.27 30.55
CA HIS A 632 -11.35 -13.25 31.67
C HIS A 632 -10.83 -14.27 32.63
N ASP A 633 -9.56 -14.65 32.60
CA ASP A 633 -9.15 -15.62 33.58
C ASP A 633 -8.70 -14.73 34.70
N PRO A 634 -9.21 -14.89 35.92
CA PRO A 634 -8.79 -14.11 37.08
C PRO A 634 -7.39 -14.45 37.55
N VAL A 635 -6.74 -15.50 37.11
CA VAL A 635 -5.45 -15.78 37.67
C VAL A 635 -4.42 -15.05 36.82
N VAL A 636 -4.88 -14.39 35.76
CA VAL A 636 -3.93 -13.72 34.91
C VAL A 636 -3.94 -12.29 35.38
N GLY A 637 -5.11 -11.67 35.50
CA GLY A 637 -5.12 -10.33 35.99
C GLY A 637 -4.68 -9.40 34.89
N ASP A 638 -3.75 -8.50 35.18
CA ASP A 638 -3.29 -7.53 34.21
C ASP A 638 -2.33 -8.17 33.27
N ARG A 639 -1.77 -9.27 33.73
CA ARG A 639 -0.67 -9.87 33.04
C ARG A 639 -0.84 -10.15 31.57
N LEU A 640 -1.98 -10.47 31.00
CA LEU A 640 -1.95 -10.69 29.57
C LEU A 640 -3.26 -10.07 29.16
N ARG A 641 -3.32 -9.39 28.03
CA ARG A 641 -4.57 -8.87 27.53
C ARG A 641 -4.39 -9.27 26.09
N VAL A 642 -5.32 -9.87 25.36
CA VAL A 642 -5.05 -10.11 23.98
C VAL A 642 -6.18 -9.31 23.36
N ILE A 643 -6.03 -8.49 22.35
CA ILE A 643 -7.14 -7.72 21.89
C ILE A 643 -7.04 -7.88 20.38
N PHE A 644 -8.12 -8.02 19.63
CA PHE A 644 -8.02 -8.09 18.18
C PHE A 644 -8.40 -6.69 17.72
N LEU A 645 -7.60 -5.95 16.95
CA LEU A 645 -7.93 -4.58 16.59
C LEU A 645 -8.87 -4.54 15.41
N GLU A 646 -10.15 -4.25 15.63
CA GLU A 646 -11.19 -4.26 14.61
C GLU A 646 -10.94 -3.15 13.61
N ASN A 647 -11.19 -3.46 12.34
CA ASN A 647 -11.13 -2.57 11.18
C ASN A 647 -9.87 -1.76 10.95
N TYR A 648 -8.78 -2.46 10.76
CA TYR A 648 -7.48 -1.84 10.59
C TYR A 648 -7.52 -1.08 9.30
N ARG A 649 -6.85 0.07 9.18
CA ARG A 649 -6.74 0.82 7.95
C ARG A 649 -5.71 1.89 8.27
N VAL A 650 -5.40 2.83 7.37
CA VAL A 650 -4.37 3.83 7.58
C VAL A 650 -4.69 4.64 8.81
N SER A 651 -5.85 5.19 9.08
CA SER A 651 -6.01 5.88 10.34
C SER A 651 -5.90 5.06 11.59
N LEU A 652 -5.87 3.74 11.57
CA LEU A 652 -5.75 3.08 12.83
C LEU A 652 -4.26 2.90 12.89
N ALA A 653 -3.60 2.72 11.74
CA ALA A 653 -2.18 2.52 11.78
C ALA A 653 -1.58 3.75 12.42
N GLU A 654 -2.05 4.96 12.03
CA GLU A 654 -1.55 6.20 12.62
C GLU A 654 -1.79 6.25 14.12
N LYS A 655 -2.66 5.46 14.73
CA LYS A 655 -2.83 5.53 16.17
C LYS A 655 -2.10 4.34 16.75
N VAL A 656 -2.07 3.15 16.21
CA VAL A 656 -1.47 2.09 16.97
C VAL A 656 0.04 2.01 16.83
N ILE A 657 0.62 2.44 15.73
CA ILE A 657 2.06 2.28 15.64
C ILE A 657 2.82 3.24 16.57
N PRO A 658 2.47 4.51 16.80
CA PRO A 658 3.09 5.28 17.86
C PRO A 658 3.00 4.70 19.26
N ALA A 659 2.03 3.86 19.59
CA ALA A 659 1.92 3.39 20.93
C ALA A 659 2.58 2.04 21.09
N ALA A 660 3.10 1.42 20.06
CA ALA A 660 3.57 0.06 20.15
C ALA A 660 4.98 -0.14 20.66
N ASP A 661 5.24 -1.16 21.47
CA ASP A 661 6.59 -1.44 21.95
C ASP A 661 7.23 -2.47 21.07
N LEU A 662 6.55 -3.59 20.80
CA LEU A 662 7.13 -4.66 20.00
C LEU A 662 6.46 -4.69 18.64
N SER A 663 7.24 -4.86 17.60
CA SER A 663 6.73 -4.93 16.26
C SER A 663 6.95 -6.37 15.80
N GLU A 664 5.84 -7.03 15.45
CA GLU A 664 5.88 -8.42 15.06
C GLU A 664 6.04 -8.53 13.56
N GLN A 665 7.15 -9.05 13.03
CA GLN A 665 7.36 -9.15 11.60
C GLN A 665 7.90 -10.54 11.37
N ILE A 666 7.03 -11.55 11.32
CA ILE A 666 7.42 -12.97 11.41
C ILE A 666 7.17 -13.86 10.18
N SER A 667 7.35 -13.38 8.97
CA SER A 667 7.04 -14.17 7.79
C SER A 667 8.06 -15.28 7.70
N THR A 668 7.68 -16.40 7.08
CA THR A 668 8.56 -17.51 6.89
C THR A 668 9.51 -16.82 5.94
N ALA A 669 10.81 -16.91 6.22
CA ALA A 669 11.75 -16.23 5.38
C ALA A 669 11.61 -16.65 3.94
N GLY A 670 11.38 -15.66 3.08
CA GLY A 670 11.29 -15.92 1.68
C GLY A 670 9.88 -15.64 1.23
N THR A 671 8.96 -15.14 2.06
CA THR A 671 7.66 -14.89 1.51
C THR A 671 7.38 -13.39 1.51
N GLU A 672 7.85 -12.57 2.44
CA GLU A 672 7.44 -11.19 2.45
C GLU A 672 8.45 -10.59 1.49
N ALA A 673 7.96 -9.73 0.62
CA ALA A 673 8.78 -9.07 -0.37
C ALA A 673 9.63 -8.02 0.29
N SER A 674 8.99 -7.19 1.12
CA SER A 674 9.71 -6.12 1.77
C SER A 674 8.97 -6.06 3.08
N GLY A 675 7.78 -5.48 3.01
CA GLY A 675 7.00 -5.23 4.17
C GLY A 675 7.24 -3.75 4.30
N THR A 676 6.23 -2.94 4.60
CA THR A 676 6.47 -1.54 4.77
C THR A 676 6.02 -1.18 6.19
N GLY A 677 5.22 -2.00 6.85
CA GLY A 677 4.70 -1.77 8.21
C GLY A 677 5.90 -1.70 9.13
N ASN A 678 6.81 -2.61 8.80
CA ASN A 678 8.18 -2.73 9.28
C ASN A 678 8.74 -1.40 9.82
N MET A 679 8.89 -0.62 8.75
CA MET A 679 9.61 0.62 8.75
C MET A 679 8.84 1.58 9.59
N LYS A 680 7.53 1.57 9.51
CA LYS A 680 6.73 2.50 10.25
C LYS A 680 7.00 2.32 11.71
N PHE A 681 7.24 1.10 12.24
CA PHE A 681 7.47 0.89 13.66
C PHE A 681 8.91 1.15 14.05
N MET A 682 9.80 1.28 13.09
CA MET A 682 11.17 1.43 13.45
C MET A 682 11.40 2.86 13.84
N LEU A 683 10.65 3.78 13.21
CA LEU A 683 10.66 5.21 13.54
C LEU A 683 9.61 5.04 14.61
N ASN A 684 9.09 5.98 15.37
CA ASN A 684 8.04 5.69 16.34
C ASN A 684 8.51 4.80 17.48
N GLY A 685 9.74 4.28 17.42
CA GLY A 685 10.42 3.67 18.53
C GLY A 685 9.82 2.36 18.97
N ALA A 686 9.80 1.34 18.14
CA ALA A 686 9.25 0.08 18.57
C ALA A 686 10.43 -0.80 18.21
N LEU A 687 10.57 -1.97 18.82
CA LEU A 687 11.74 -2.80 18.60
C LEU A 687 11.16 -3.95 17.82
N THR A 688 11.87 -4.46 16.82
CA THR A 688 11.34 -5.49 15.97
C THR A 688 11.66 -6.93 16.38
N ILE A 689 10.69 -7.84 16.43
CA ILE A 689 11.10 -9.22 16.57
C ILE A 689 10.81 -9.70 15.15
N GLY A 690 11.68 -10.42 14.46
CA GLY A 690 11.38 -10.77 13.10
C GLY A 690 12.35 -11.81 12.61
N THR A 691 12.06 -12.33 11.43
CA THR A 691 12.86 -13.34 10.77
C THR A 691 13.72 -12.54 9.79
N MET A 692 14.62 -13.14 9.03
CA MET A 692 15.43 -12.41 8.10
C MET A 692 14.59 -12.44 6.85
N ASP A 693 13.59 -11.61 6.64
CA ASP A 693 12.79 -11.78 5.45
C ASP A 693 12.55 -10.36 5.06
N GLY A 694 12.23 -10.18 3.78
CA GLY A 694 11.92 -8.91 3.18
C GLY A 694 12.92 -7.86 3.61
N ALA A 695 12.43 -6.72 4.05
CA ALA A 695 13.35 -5.68 4.39
C ALA A 695 13.81 -5.79 5.82
N ASN A 696 13.46 -6.83 6.57
CA ASN A 696 13.89 -6.90 7.95
C ASN A 696 15.39 -7.08 7.86
N VAL A 697 15.87 -7.63 6.75
CA VAL A 697 17.29 -7.86 6.61
C VAL A 697 17.99 -6.52 6.63
N GLU A 698 17.51 -5.58 5.84
CA GLU A 698 18.22 -4.34 5.79
C GLU A 698 17.99 -3.54 7.06
N MET A 699 16.85 -3.62 7.72
CA MET A 699 16.70 -2.87 8.93
C MET A 699 17.69 -3.40 9.94
N ALA A 700 17.94 -4.69 9.97
CA ALA A 700 18.94 -5.18 10.90
C ALA A 700 20.35 -4.82 10.45
N GLU A 701 20.65 -4.66 9.16
CA GLU A 701 21.98 -4.24 8.83
C GLU A 701 22.12 -2.83 9.32
N GLU A 702 21.15 -1.96 9.07
CA GLU A 702 21.30 -0.60 9.50
C GLU A 702 21.44 -0.49 11.00
N ALA A 703 20.59 -1.10 11.82
CA ALA A 703 20.73 -0.92 13.27
C ALA A 703 21.66 -1.89 13.92
N GLY A 704 22.03 -2.96 13.25
CA GLY A 704 22.90 -3.93 13.83
C GLY A 704 22.06 -5.03 14.46
N GLU A 705 22.57 -6.24 14.23
CA GLU A 705 22.00 -7.49 14.68
C GLU A 705 21.67 -7.30 16.15
N GLU A 706 22.58 -6.76 16.94
CA GLU A 706 22.37 -6.69 18.36
C GLU A 706 21.19 -5.83 18.74
N ASN A 707 20.61 -5.04 17.88
CA ASN A 707 19.58 -4.14 18.33
C ASN A 707 18.28 -4.62 17.69
N PHE A 708 18.17 -5.91 17.41
CA PHE A 708 17.04 -6.41 16.68
C PHE A 708 16.75 -7.75 17.31
N PHE A 709 15.56 -8.34 17.30
CA PHE A 709 15.41 -9.66 17.89
C PHE A 709 15.11 -10.55 16.71
N ILE A 710 16.17 -11.17 16.20
CA ILE A 710 16.10 -11.99 15.01
C ILE A 710 15.94 -13.43 15.45
N PHE A 711 15.04 -14.20 14.89
CA PHE A 711 14.94 -15.56 15.35
C PHE A 711 14.69 -16.18 14.00
N GLY A 712 14.34 -17.46 14.02
CA GLY A 712 13.84 -18.18 12.90
C GLY A 712 14.93 -18.64 11.97
N MET A 713 14.45 -19.51 11.08
CA MET A 713 15.30 -20.04 10.05
C MET A 713 15.42 -18.97 9.00
N ARG A 714 16.48 -19.01 8.22
CA ARG A 714 16.74 -18.01 7.22
C ARG A 714 16.25 -18.71 5.97
N VAL A 715 16.43 -18.13 4.79
CA VAL A 715 15.92 -18.75 3.59
C VAL A 715 16.50 -20.12 3.36
N GLU A 716 17.82 -20.32 3.32
CA GLU A 716 18.38 -21.63 3.03
C GLU A 716 17.72 -22.71 3.85
N ASP A 717 17.54 -22.42 5.13
CA ASP A 717 17.05 -23.41 6.04
C ASP A 717 15.68 -23.83 5.58
N VAL A 718 14.85 -22.96 5.05
CA VAL A 718 13.55 -23.38 4.62
C VAL A 718 13.73 -24.30 3.43
N ASP A 719 14.57 -23.92 2.49
CA ASP A 719 14.79 -24.73 1.31
C ASP A 719 15.40 -26.05 1.68
N ARG A 720 16.16 -26.11 2.75
CA ARG A 720 16.74 -27.36 3.16
C ARG A 720 15.59 -28.19 3.66
N LEU A 721 14.73 -27.59 4.44
CA LEU A 721 13.68 -28.35 5.04
C LEU A 721 12.79 -28.87 3.96
N ASP A 722 12.47 -28.08 2.95
CA ASP A 722 11.57 -28.52 1.90
C ASP A 722 12.20 -29.66 1.17
N GLN A 723 13.49 -29.71 0.99
CA GLN A 723 13.97 -30.84 0.24
C GLN A 723 13.97 -32.05 1.13
N ARG A 724 14.01 -31.90 2.44
CA ARG A 724 13.97 -33.05 3.30
C ARG A 724 12.54 -33.58 3.20
N GLY A 725 11.62 -32.69 3.50
CA GLY A 725 10.24 -33.03 3.67
C GLY A 725 9.98 -32.42 5.04
N TYR A 726 9.08 -31.46 5.03
CA TYR A 726 8.78 -30.79 6.26
C TYR A 726 7.80 -31.78 6.84
N ASN A 727 7.85 -32.10 8.12
CA ASN A 727 6.91 -33.01 8.70
C ASN A 727 6.63 -32.35 10.04
N ALA A 728 5.40 -31.91 10.24
CA ALA A 728 5.02 -31.19 11.44
C ALA A 728 4.91 -32.12 12.61
N GLN A 729 4.70 -33.39 12.29
CA GLN A 729 4.54 -34.36 13.35
C GLN A 729 5.80 -34.35 14.16
N GLU A 730 7.01 -34.29 13.58
CA GLU A 730 8.28 -34.25 14.31
C GLU A 730 8.22 -33.21 15.44
N TYR A 731 7.72 -32.04 15.13
CA TYR A 731 7.66 -30.96 16.08
C TYR A 731 6.71 -31.33 17.20
N TYR A 732 5.50 -31.67 16.79
CA TYR A 732 4.46 -32.01 17.72
C TYR A 732 5.03 -32.99 18.70
N ASP A 733 5.65 -34.05 18.22
CA ASP A 733 6.15 -35.08 19.08
C ASP A 733 7.29 -34.55 19.91
N ARG A 734 8.30 -33.80 19.49
CA ARG A 734 9.30 -33.52 20.48
C ARG A 734 9.13 -32.21 21.23
N ILE A 735 7.99 -31.52 21.16
CA ILE A 735 7.87 -30.30 21.93
C ILE A 735 6.59 -30.38 22.73
N PRO A 736 6.67 -30.54 24.05
CA PRO A 736 5.53 -30.65 24.92
C PRO A 736 4.61 -29.45 24.95
N GLU A 737 5.12 -28.23 24.91
CA GLU A 737 4.28 -27.06 25.01
C GLU A 737 3.43 -27.00 23.77
N LEU A 738 4.03 -27.27 22.62
CA LEU A 738 3.31 -27.19 21.38
C LEU A 738 2.26 -28.28 21.42
N ARG A 739 2.61 -29.44 21.93
CA ARG A 739 1.64 -30.51 22.01
C ARG A 739 0.51 -30.11 22.93
N GLN A 740 0.71 -29.40 24.04
CA GLN A 740 -0.44 -29.07 24.85
C GLN A 740 -1.30 -28.13 24.04
N ILE A 741 -0.75 -27.17 23.33
CA ILE A 741 -1.54 -26.18 22.61
C ILE A 741 -2.41 -26.88 21.60
N ILE A 742 -1.81 -27.82 20.88
CA ILE A 742 -2.53 -28.45 19.81
C ILE A 742 -3.61 -29.24 20.47
N GLU A 743 -3.34 -29.88 21.59
CA GLU A 743 -4.44 -30.57 22.20
C GLU A 743 -5.51 -29.58 22.62
N GLN A 744 -5.24 -28.42 23.22
CA GLN A 744 -6.30 -27.50 23.67
C GLN A 744 -7.16 -27.06 22.51
N LEU A 745 -6.48 -26.83 21.41
CA LEU A 745 -7.19 -26.42 20.25
C LEU A 745 -8.07 -27.57 19.87
N SER A 746 -7.56 -28.80 19.80
CA SER A 746 -8.38 -29.90 19.34
C SER A 746 -9.51 -30.26 20.30
N SER A 747 -9.30 -30.18 21.60
CA SER A 747 -10.33 -30.51 22.54
C SER A 747 -11.41 -29.45 22.65
N GLY A 748 -11.28 -28.22 22.21
CA GLY A 748 -12.41 -27.34 22.42
C GLY A 748 -12.22 -26.55 23.70
N PHE A 749 -10.96 -26.38 24.06
CA PHE A 749 -10.66 -25.60 25.22
C PHE A 749 -11.03 -24.17 24.87
N PHE A 750 -10.81 -23.73 23.63
CA PHE A 750 -11.16 -22.37 23.30
C PHE A 750 -12.51 -22.31 22.62
N SER A 751 -13.18 -23.41 22.39
CA SER A 751 -14.44 -23.30 21.71
C SER A 751 -15.44 -24.17 22.45
N PRO A 752 -15.82 -23.85 23.70
CA PRO A 752 -16.36 -24.80 24.66
C PRO A 752 -17.60 -25.50 24.12
N LYS A 753 -18.34 -24.73 23.35
CA LYS A 753 -19.63 -25.17 22.93
C LYS A 753 -19.55 -25.72 21.54
N GLN A 754 -18.45 -25.64 20.83
CA GLN A 754 -18.33 -26.20 19.49
C GLN A 754 -16.91 -26.71 19.45
N PRO A 755 -16.52 -27.79 20.11
CA PRO A 755 -15.14 -28.25 20.16
C PRO A 755 -14.50 -28.45 18.79
N ASP A 756 -15.37 -28.97 17.96
CA ASP A 756 -15.08 -29.34 16.60
C ASP A 756 -14.40 -28.23 15.82
N LEU A 757 -14.82 -27.02 16.14
CA LEU A 757 -14.42 -25.80 15.45
C LEU A 757 -12.96 -25.61 15.04
N PHE A 758 -11.93 -25.66 15.87
CA PHE A 758 -10.65 -25.27 15.32
C PHE A 758 -9.86 -26.41 14.72
N LYS A 759 -10.50 -27.55 14.50
CA LYS A 759 -9.82 -28.68 13.92
C LYS A 759 -9.38 -28.40 12.52
N ASP A 760 -10.02 -27.42 11.89
CA ASP A 760 -9.62 -27.08 10.55
C ASP A 760 -8.21 -26.53 10.56
N ILE A 761 -7.94 -25.63 11.49
CA ILE A 761 -6.62 -25.03 11.61
C ILE A 761 -5.67 -26.08 12.14
N VAL A 762 -6.08 -26.95 13.05
CA VAL A 762 -5.15 -27.95 13.54
C VAL A 762 -4.77 -28.84 12.38
N ASN A 763 -5.70 -29.07 11.49
CA ASN A 763 -5.43 -29.94 10.38
C ASN A 763 -4.41 -29.34 9.45
N MET A 764 -4.49 -28.06 9.18
CA MET A 764 -3.56 -27.51 8.24
C MET A 764 -2.22 -27.48 8.94
N LEU A 765 -2.15 -27.08 10.20
CA LEU A 765 -0.90 -27.03 10.94
C LEU A 765 -0.22 -28.37 10.92
N MET A 766 -1.02 -29.37 11.23
CA MET A 766 -0.53 -30.72 11.31
C MET A 766 -0.14 -31.33 9.99
N HIS A 767 -0.90 -31.04 8.95
CA HIS A 767 -0.69 -31.76 7.72
C HIS A 767 -0.34 -30.99 6.49
N HIS A 768 -0.64 -29.74 6.26
CA HIS A 768 -0.28 -29.24 4.97
C HIS A 768 -0.12 -27.77 5.21
N ASP A 769 0.90 -27.45 5.96
CA ASP A 769 1.15 -26.07 6.26
C ASP A 769 2.36 -25.70 5.47
N ARG A 770 2.09 -24.90 4.46
CA ARG A 770 3.15 -24.44 3.63
C ARG A 770 4.06 -23.51 4.43
N PHE A 771 3.64 -22.80 5.46
CA PHE A 771 4.50 -21.79 5.97
C PHE A 771 5.26 -22.14 7.23
N LYS A 772 5.23 -23.44 7.50
CA LYS A 772 6.07 -24.05 8.49
C LYS A 772 6.09 -23.28 9.81
N VAL A 773 4.88 -23.09 10.35
CA VAL A 773 4.67 -22.40 11.60
C VAL A 773 5.46 -23.12 12.66
N PHE A 774 5.19 -24.40 12.88
CA PHE A 774 5.87 -25.15 13.91
C PHE A 774 7.38 -25.23 13.76
N ALA A 775 8.07 -24.99 12.63
CA ALA A 775 9.50 -25.15 12.69
C ALA A 775 10.18 -23.93 13.30
N ASP A 776 9.45 -22.83 13.40
CA ASP A 776 10.06 -21.63 13.91
C ASP A 776 9.63 -21.37 15.34
N TYR A 777 8.70 -22.15 15.84
CA TYR A 777 8.16 -21.98 17.17
C TYR A 777 9.17 -21.96 18.31
N GLU A 778 10.04 -22.92 18.47
CA GLU A 778 10.96 -22.92 19.58
C GLU A 778 11.77 -21.65 19.54
N GLU A 779 12.27 -21.24 18.39
CA GLU A 779 13.08 -20.05 18.41
C GLU A 779 12.25 -18.84 18.74
N TYR A 780 11.02 -18.86 18.24
CA TYR A 780 10.12 -17.77 18.44
C TYR A 780 9.96 -17.56 19.93
N VAL A 781 9.54 -18.59 20.64
CA VAL A 781 9.30 -18.47 22.05
C VAL A 781 10.53 -18.08 22.84
N LYS A 782 11.68 -18.68 22.61
CA LYS A 782 12.88 -18.29 23.33
C LYS A 782 13.25 -16.84 23.06
N CYS A 783 13.11 -16.41 21.81
CA CYS A 783 13.44 -15.07 21.43
C CYS A 783 12.46 -14.18 22.18
N GLN A 784 11.21 -14.58 22.38
CA GLN A 784 10.28 -13.73 23.09
C GLN A 784 10.64 -13.61 24.56
N GLU A 785 11.33 -14.59 25.14
CA GLU A 785 11.70 -14.45 26.51
C GLU A 785 12.80 -13.39 26.54
N ARG A 786 13.62 -13.27 25.52
CA ARG A 786 14.63 -12.24 25.49
C ARG A 786 13.99 -10.87 25.41
N VAL A 787 12.83 -10.75 24.78
CA VAL A 787 12.27 -9.43 24.73
C VAL A 787 11.79 -9.06 26.13
N SER A 788 11.16 -9.93 26.91
CA SER A 788 10.71 -9.53 28.22
C SER A 788 11.88 -9.27 29.16
N ALA A 789 13.01 -9.92 28.93
CA ALA A 789 14.15 -9.73 29.77
C ALA A 789 14.51 -8.28 29.63
N LEU A 790 14.63 -7.83 28.41
CA LEU A 790 15.04 -6.47 28.19
C LEU A 790 13.93 -5.52 28.57
N TYR A 791 12.64 -5.81 28.52
CA TYR A 791 11.72 -4.74 28.85
C TYR A 791 11.85 -4.44 30.32
N LYS A 792 12.34 -5.35 31.17
CA LYS A 792 12.39 -5.06 32.58
C LYS A 792 13.45 -4.02 32.82
N ASN A 793 14.34 -3.69 31.90
CA ASN A 793 15.34 -2.70 32.18
C ASN A 793 15.00 -1.56 31.25
N PRO A 794 14.16 -0.66 31.71
CA PRO A 794 13.74 0.52 30.98
C PRO A 794 14.84 1.20 30.18
N ARG A 795 16.00 1.37 30.79
CA ARG A 795 16.99 2.22 30.19
C ARG A 795 17.63 1.58 29.01
N GLU A 796 17.87 0.30 29.04
CA GLU A 796 18.52 -0.19 27.86
C GLU A 796 17.47 -0.50 26.80
N TRP A 797 16.17 -0.68 27.08
CA TRP A 797 15.25 -0.86 25.99
C TRP A 797 15.25 0.45 25.23
N THR A 798 15.08 1.56 25.93
CA THR A 798 15.08 2.81 25.24
C THR A 798 16.40 3.10 24.56
N ARG A 799 17.55 2.64 25.02
CA ARG A 799 18.72 2.90 24.21
C ARG A 799 18.68 2.10 22.93
N MET A 800 18.09 0.89 22.95
CA MET A 800 18.06 0.08 21.76
C MET A 800 17.15 0.79 20.78
N VAL A 801 16.08 1.31 21.36
CA VAL A 801 15.09 2.06 20.65
C VAL A 801 15.81 3.22 19.99
N ILE A 802 16.67 3.99 20.67
CA ILE A 802 17.29 5.14 20.03
C ILE A 802 18.14 4.69 18.88
N ARG A 803 18.82 3.56 18.98
CA ARG A 803 19.66 3.11 17.88
C ARG A 803 18.80 2.64 16.74
N ASN A 804 17.55 2.31 16.99
CA ASN A 804 16.72 1.88 15.90
C ASN A 804 16.26 3.13 15.22
N ILE A 805 15.74 4.09 15.96
CA ILE A 805 15.23 5.32 15.39
C ILE A 805 16.32 6.01 14.62
N ALA A 806 17.51 6.12 15.19
CA ALA A 806 18.58 6.88 14.57
C ALA A 806 18.95 6.25 13.25
N THR A 807 18.67 4.99 13.13
CA THR A 807 19.02 4.32 11.93
C THR A 807 17.92 4.20 10.86
N SER A 808 16.68 4.64 11.00
CA SER A 808 15.71 4.37 9.96
C SER A 808 15.74 5.29 8.74
N GLY A 809 16.71 6.19 8.67
CA GLY A 809 16.78 7.10 7.57
C GLY A 809 16.63 6.46 6.20
N LYS A 810 17.30 5.35 5.97
CA LYS A 810 17.27 4.68 4.68
C LYS A 810 15.87 4.23 4.30
N PHE A 811 14.92 4.15 5.22
CA PHE A 811 13.65 3.65 4.85
C PHE A 811 12.74 4.80 4.50
N SER A 812 13.24 5.97 4.12
CA SER A 812 12.33 7.02 3.75
C SER A 812 11.96 6.76 2.28
N SER A 813 10.74 7.01 1.79
CA SER A 813 10.45 6.77 0.41
C SER A 813 11.14 7.84 -0.40
N ASP A 814 11.65 8.92 0.20
CA ASP A 814 12.33 9.93 -0.57
C ASP A 814 13.55 9.27 -1.17
N ARG A 815 14.25 8.40 -0.45
CA ARG A 815 15.39 7.73 -1.03
C ARG A 815 14.94 6.83 -2.18
N THR A 816 13.97 5.98 -1.92
CA THR A 816 13.45 5.08 -2.92
C THR A 816 13.08 5.83 -4.20
N ILE A 817 12.36 6.93 -4.14
CA ILE A 817 11.96 7.59 -5.34
C ILE A 817 13.19 8.24 -5.92
N ALA A 818 14.15 8.74 -5.14
CA ALA A 818 15.34 9.32 -5.72
C ALA A 818 16.05 8.24 -6.49
N GLN A 819 15.97 6.97 -6.08
CA GLN A 819 16.61 5.95 -6.86
C GLN A 819 15.79 5.58 -8.09
N TYR A 820 14.47 5.51 -8.02
CA TYR A 820 13.68 5.13 -9.16
C TYR A 820 13.98 6.15 -10.24
N ALA A 821 13.98 7.38 -9.75
CA ALA A 821 14.18 8.55 -10.57
C ALA A 821 15.46 8.40 -11.34
N ARG A 822 16.57 8.22 -10.63
CA ARG A 822 17.85 8.21 -11.29
C ARG A 822 18.09 6.93 -12.04
N GLU A 823 17.98 5.77 -11.42
CA GLU A 823 18.34 4.57 -12.14
C GLU A 823 17.25 3.99 -13.04
N ILE A 824 16.05 4.55 -13.18
CA ILE A 824 15.05 3.94 -14.03
C ILE A 824 14.34 5.05 -14.82
N TRP A 825 13.96 6.17 -14.21
CA TRP A 825 13.17 7.11 -14.97
C TRP A 825 14.13 8.08 -15.63
N GLY A 826 15.33 8.22 -15.09
CA GLY A 826 16.31 9.12 -15.64
C GLY A 826 15.93 10.54 -15.33
N VAL A 827 15.46 10.94 -14.14
CA VAL A 827 15.04 12.32 -13.94
C VAL A 827 15.81 12.65 -12.68
N GLU A 828 16.17 13.89 -12.37
CA GLU A 828 16.92 14.10 -11.16
C GLU A 828 15.92 14.76 -10.23
N PRO A 829 15.84 14.30 -9.00
CA PRO A 829 15.21 15.00 -7.87
C PRO A 829 15.53 16.47 -7.60
N SER A 830 14.69 17.30 -7.01
CA SER A 830 15.05 18.65 -6.66
C SER A 830 14.46 18.93 -5.29
N ARG A 831 15.09 19.59 -4.30
CA ARG A 831 14.35 19.93 -3.10
C ARG A 831 14.08 21.42 -3.26
N GLN A 832 14.46 21.97 -4.42
CA GLN A 832 14.29 23.38 -4.74
C GLN A 832 12.80 23.72 -4.67
N ARG A 833 12.45 24.76 -3.93
CA ARG A 833 11.05 25.08 -3.72
C ARG A 833 10.61 25.82 -4.94
N LEU A 834 9.34 25.66 -5.26
CA LEU A 834 8.78 26.29 -6.41
C LEU A 834 8.22 27.49 -5.68
N PRO A 835 8.10 28.63 -6.36
CA PRO A 835 7.75 29.90 -5.75
C PRO A 835 6.30 30.15 -5.37
N ALA A 836 5.36 29.41 -5.96
CA ALA A 836 3.93 29.64 -5.80
C ALA A 836 3.35 30.25 -4.54
N PRO A 837 2.89 31.50 -4.59
CA PRO A 837 1.71 31.96 -3.90
C PRO A 837 0.69 31.82 -5.01
N ASP A 838 -0.01 32.87 -5.38
CA ASP A 838 -1.04 32.75 -6.37
C ASP A 838 -1.04 34.12 -7.02
N GLU A 839 -2.19 34.77 -7.21
CA GLU A 839 -2.29 35.98 -8.01
C GLU A 839 -2.32 37.31 -7.28
N LYS A 840 -3.36 37.60 -6.51
CA LYS A 840 -3.51 38.85 -5.79
C LYS A 840 -3.37 40.12 -6.62
N ILE A 841 -4.37 40.43 -7.43
CA ILE A 841 -4.35 41.62 -8.25
C ILE A 841 -5.83 41.96 -8.26
#